data_8W8L
#
_entry.id   8W8L
#
_cell.length_a   74.484
_cell.length_b   103.060
_cell.length_c   194.095
_cell.angle_alpha   90.000
_cell.angle_beta   90.000
_cell.angle_gamma   90.000
#
_symmetry.space_group_name_H-M   'P 21 21 21'
#
loop_
_entity.id
_entity.type
_entity.pdbx_description
1 polymer 'Proline--tRNA ligase'
2 non-polymer (2~{S})-~{N}-[5-(4-azanyl-8-fluoranyl-quinazolin-7-yl)-2-fluoranyl-phenyl]sulfonylpyrrolidine-2-carboxamide
3 non-polymer 'SULFATE ION'
4 non-polymer 'MAGNESIUM ION'
5 non-polymer 1,2-ETHANEDIOL
6 water water
#
_entity_poly.entity_id   1
_entity_poly.type   'polypeptide(L)'
_entity_poly.pdbx_seq_one_letter_code
;MGHHHHHHMRTSQYLLSTLKETPADAVVISHQLLLRAGMIRRLASGLYTWLPMGLRVLRKVETIVREEMNAAGALEVLMP
AVQPAELWQESGRWEQYGPELLRLKDRHEREFCVGPTHEEVITDLARNELNSYKQLPINFYQIQTKFRDEIRPRFGLMRG
REFIMKDAYSFHLSQDSLQQTYDGMYQAYSKIFSRLGLDFRPVQADNGSIGGSGSHEFHVLANSGEDDIVFSDSSDYAAN
IEKAEAVPRESARGSATEDMRLVDTPNTKTIAALVDGFQLPIEKTIKTLVVHGAEEGTLVALIVRGDHELNEIKAANQPL
VASPLVFASEAEIRAAIGAGPGSLGPVNLPIACIVDRSVALMSDFAAGANIEDKHYFGVNWERDLPLPEVADLRNVVEGD
PSPDGKGTLVIKRGIEVGHIFQLGTKYSEAMKLSVLSEQGKPVNLIMGCYGIGVSRVVAAAIEQNHDERGILWPSALAPF
QIALVPLKYETESVKQATDKLYAELTAAGFEVLLDDRDKKTSPGVKFADMELIGIPHRIVISDRGLSEGVLEYKGRRDSE
SQNLPIGELMSFITEKLSR
;
_entity_poly.pdbx_strand_id   A,B
#
loop_
_chem_comp.id
_chem_comp.type
_chem_comp.name
_chem_comp.formula
EDO non-polymer 1,2-ETHANEDIOL 'C2 H6 O2'
MG non-polymer 'MAGNESIUM ION' 'Mg 2'
SO4 non-polymer 'SULFATE ION' 'O4 S -2'
W20 non-polymer (2~{S})-~{N}-[5-(4-azanyl-8-fluoranyl-quinazolin-7-yl)-2-fluoranyl-phenyl]sulfonylpyrrolidine-2-carboxamide 'C19 H17 F2 N5 O3 S'
#
# COMPACT_ATOMS: atom_id res chain seq x y z
N HIS A 7 14.91 22.08 -12.88
CA HIS A 7 14.15 20.86 -12.48
C HIS A 7 13.01 20.61 -13.48
N HIS A 8 13.31 19.79 -14.49
CA HIS A 8 12.35 19.47 -15.54
C HIS A 8 12.01 17.98 -15.51
N MET A 9 10.78 17.66 -15.88
CA MET A 9 10.38 16.29 -16.16
C MET A 9 10.80 15.95 -17.58
N ARG A 10 11.74 14.99 -17.70
CA ARG A 10 12.47 14.75 -18.93
C ARG A 10 12.24 13.31 -19.42
N THR A 11 12.21 13.16 -20.74
CA THR A 11 11.95 11.87 -21.38
C THR A 11 13.07 10.89 -21.13
N SER A 12 14.32 11.39 -21.02
CA SER A 12 15.47 10.52 -20.79
C SER A 12 15.36 9.83 -19.44
N GLN A 13 14.53 10.39 -18.54
CA GLN A 13 14.28 9.84 -17.22
C GLN A 13 13.02 8.99 -17.23
N TYR A 14 11.92 9.54 -17.78
CA TYR A 14 10.60 8.94 -17.67
C TYR A 14 10.39 7.74 -18.60
N LEU A 15 11.02 7.72 -19.79
CA LEU A 15 10.60 6.76 -20.81
C LEU A 15 11.30 5.41 -20.63
N LEU A 16 12.47 5.41 -20.00
CA LEU A 16 13.17 4.18 -19.64
C LEU A 16 13.63 3.47 -20.91
N SER A 17 13.65 2.12 -20.92
CA SER A 17 14.28 1.40 -22.01
C SER A 17 13.45 1.49 -23.29
N THR A 18 14.15 1.42 -24.42
CA THR A 18 13.51 1.40 -25.72
C THR A 18 13.01 -0.01 -26.04
N LEU A 19 13.64 -1.02 -25.44
CA LEU A 19 13.25 -2.42 -25.64
C LEU A 19 12.22 -2.80 -24.57
N LYS A 20 11.00 -3.10 -25.01
CA LYS A 20 9.89 -3.32 -24.09
C LYS A 20 9.59 -4.80 -23.97
N GLU A 21 9.16 -5.22 -22.76
CA GLU A 21 8.60 -6.53 -22.51
C GLU A 21 7.55 -6.80 -23.58
N THR A 22 7.66 -7.95 -24.26
CA THR A 22 6.74 -8.27 -25.35
C THR A 22 6.31 -9.73 -25.18
N PRO A 23 5.61 -10.05 -24.07
CA PRO A 23 5.30 -11.44 -23.71
C PRO A 23 4.19 -12.05 -24.54
N ALA A 24 4.22 -13.39 -24.62
CA ALA A 24 3.27 -14.18 -25.40
C ALA A 24 1.84 -13.95 -24.93
N ASP A 25 1.66 -13.68 -23.63
CA ASP A 25 0.35 -13.64 -23.00
C ASP A 25 -0.24 -12.22 -22.98
N ALA A 26 0.44 -11.25 -23.60
CA ALA A 26 -0.12 -9.91 -23.71
C ALA A 26 -1.02 -9.87 -24.94
N VAL A 27 -2.31 -10.17 -24.73
CA VAL A 27 -3.26 -10.37 -25.83
C VAL A 27 -4.36 -9.33 -25.82
N VAL A 28 -4.48 -8.55 -24.74
CA VAL A 28 -5.44 -7.46 -24.73
C VAL A 28 -4.67 -6.14 -24.84
N ILE A 29 -5.33 -5.15 -25.44
CA ILE A 29 -4.68 -3.93 -25.87
C ILE A 29 -4.14 -3.13 -24.68
N SER A 30 -4.88 -3.07 -23.57
CA SER A 30 -4.45 -2.31 -22.41
C SER A 30 -3.12 -2.85 -21.90
N HIS A 31 -3.04 -4.19 -21.80
CA HIS A 31 -1.84 -4.86 -21.34
C HIS A 31 -0.67 -4.53 -22.28
N GLN A 32 -0.91 -4.69 -23.59
CA GLN A 32 0.11 -4.40 -24.59
C GLN A 32 0.59 -2.97 -24.44
N LEU A 33 -0.35 -2.01 -24.37
CA LEU A 33 0.00 -0.60 -24.43
C LEU A 33 0.62 -0.12 -23.12
N LEU A 34 0.18 -0.68 -21.98
CA LEU A 34 0.78 -0.29 -20.70
C LEU A 34 2.25 -0.69 -20.65
N LEU A 35 2.61 -1.82 -21.29
CA LEU A 35 4.00 -2.23 -21.40
C LEU A 35 4.74 -1.34 -22.40
N ARG A 36 4.19 -1.14 -23.60
CA ARG A 36 4.90 -0.45 -24.65
C ARG A 36 5.14 1.01 -24.27
N ALA A 37 4.18 1.62 -23.57
CA ALA A 37 4.23 3.04 -23.27
C ALA A 37 5.00 3.28 -21.96
N GLY A 38 5.62 2.23 -21.43
CA GLY A 38 6.43 2.34 -20.22
C GLY A 38 5.62 2.73 -18.98
N MET A 39 4.44 2.13 -18.81
CA MET A 39 3.57 2.47 -17.68
C MET A 39 3.69 1.45 -16.56
N ILE A 40 3.84 0.17 -16.92
CA ILE A 40 3.95 -0.92 -15.94
C ILE A 40 5.08 -1.85 -16.36
N ARG A 41 5.56 -2.61 -15.37
CA ARG A 41 6.54 -3.66 -15.60
C ARG A 41 6.19 -4.86 -14.73
N ARG A 42 6.32 -6.07 -15.28
CA ARG A 42 5.99 -7.28 -14.55
C ARG A 42 7.11 -7.66 -13.58
N LEU A 43 6.75 -7.98 -12.33
CA LEU A 43 7.69 -8.59 -11.41
C LEU A 43 7.58 -10.11 -11.52
N ALA A 44 6.34 -10.59 -11.54
CA ALA A 44 6.03 -12.01 -11.52
C ALA A 44 4.55 -12.13 -11.86
N SER A 45 4.06 -13.37 -11.98
CA SER A 45 2.66 -13.61 -12.33
C SER A 45 1.71 -12.74 -11.50
N GLY A 46 0.99 -11.85 -12.19
CA GLY A 46 -0.04 -11.03 -11.56
C GLY A 46 0.51 -9.91 -10.65
N LEU A 47 1.82 -9.65 -10.71
CA LEU A 47 2.44 -8.61 -9.89
C LEU A 47 3.16 -7.62 -10.79
N TYR A 48 2.75 -6.36 -10.73
CA TYR A 48 3.27 -5.35 -11.62
C TYR A 48 3.70 -4.10 -10.85
N THR A 49 4.86 -3.55 -11.26
CA THR A 49 5.30 -2.24 -10.80
C THR A 49 4.66 -1.15 -11.66
N TRP A 50 4.17 -0.11 -10.98
CA TRP A 50 3.85 1.15 -11.64
C TRP A 50 5.13 1.91 -11.88
N LEU A 51 5.46 2.09 -13.16
CA LEU A 51 6.60 2.90 -13.56
C LEU A 51 6.20 4.36 -13.45
N PRO A 52 7.16 5.30 -13.49
CA PRO A 52 6.83 6.70 -13.24
C PRO A 52 5.62 7.24 -14.01
N MET A 53 5.56 7.00 -15.33
CA MET A 53 4.48 7.54 -16.14
C MET A 53 3.16 6.89 -15.78
N GLY A 54 3.17 5.57 -15.56
CA GLY A 54 1.96 4.87 -15.15
C GLY A 54 1.43 5.34 -13.81
N LEU A 55 2.34 5.60 -12.85
CA LEU A 55 1.92 5.97 -11.52
C LEU A 55 1.16 7.29 -11.56
N ARG A 56 1.57 8.18 -12.48
CA ARG A 56 0.92 9.48 -12.62
C ARG A 56 -0.55 9.29 -12.94
N VAL A 57 -0.86 8.27 -13.75
CA VAL A 57 -2.22 8.03 -14.19
C VAL A 57 -3.02 7.44 -13.03
N LEU A 58 -2.44 6.46 -12.34
CA LEU A 58 -3.08 5.85 -11.17
C LEU A 58 -3.53 6.91 -10.17
N ARG A 59 -2.64 7.87 -9.86
CA ARG A 59 -2.89 8.87 -8.85
C ARG A 59 -4.06 9.78 -9.24
N LYS A 60 -4.23 10.05 -10.54
CA LYS A 60 -5.35 10.88 -10.99
C LYS A 60 -6.66 10.14 -10.77
N VAL A 61 -6.64 8.81 -10.90
CA VAL A 61 -7.83 8.02 -10.66
C VAL A 61 -8.16 8.06 -9.18
N GLU A 62 -7.14 7.86 -8.33
CA GLU A 62 -7.29 7.87 -6.89
C GLU A 62 -7.85 9.20 -6.41
N THR A 63 -7.33 10.31 -6.96
CA THR A 63 -7.72 11.65 -6.54
C THR A 63 -9.22 11.84 -6.75
N ILE A 64 -9.70 11.52 -7.95
CA ILE A 64 -11.09 11.71 -8.31
C ILE A 64 -11.96 10.80 -7.44
N VAL A 65 -11.53 9.56 -7.25
CA VAL A 65 -12.27 8.63 -6.41
C VAL A 65 -12.38 9.18 -5.00
N ARG A 66 -11.26 9.67 -4.46
CA ARG A 66 -11.20 10.21 -3.11
C ARG A 66 -12.13 11.42 -3.01
N GLU A 67 -12.09 12.32 -4.00
CA GLU A 67 -12.91 13.52 -3.97
C GLU A 67 -14.39 13.18 -3.92
N GLU A 68 -14.83 12.13 -4.60
CA GLU A 68 -16.25 11.87 -4.71
C GLU A 68 -16.74 11.09 -3.50
N MET A 69 -15.91 10.15 -3.00
CA MET A 69 -16.22 9.47 -1.76
C MET A 69 -16.40 10.50 -0.64
N ASN A 70 -15.49 11.47 -0.56
CA ASN A 70 -15.53 12.46 0.51
C ASN A 70 -16.79 13.33 0.37
N ALA A 71 -17.15 13.66 -0.88
CA ALA A 71 -18.31 14.49 -1.16
C ALA A 71 -19.60 13.75 -0.79
N ALA A 72 -19.55 12.42 -0.78
CA ALA A 72 -20.69 11.58 -0.45
C ALA A 72 -20.71 11.29 1.06
N GLY A 73 -19.81 11.92 1.82
CA GLY A 73 -19.83 11.84 3.28
C GLY A 73 -19.09 10.63 3.85
N ALA A 74 -18.33 9.91 3.01
CA ALA A 74 -17.57 8.76 3.47
C ALA A 74 -16.27 9.22 4.13
N LEU A 75 -15.81 8.46 5.15
CA LEU A 75 -14.64 8.78 5.94
C LEU A 75 -13.48 7.85 5.58
N GLU A 76 -12.36 8.43 5.12
CA GLU A 76 -11.23 7.63 4.70
C GLU A 76 -10.44 7.14 5.91
N VAL A 77 -10.20 5.81 5.92
CA VAL A 77 -9.34 5.12 6.87
C VAL A 77 -8.25 4.41 6.06
N LEU A 78 -7.36 3.71 6.77
CA LEU A 78 -6.40 2.84 6.10
C LEU A 78 -6.12 1.63 6.98
N MET A 79 -6.56 0.47 6.51
CA MET A 79 -6.50 -0.74 7.31
C MET A 79 -5.31 -1.58 6.82
N PRO A 80 -4.79 -2.48 7.67
CA PRO A 80 -3.68 -3.35 7.30
C PRO A 80 -3.99 -4.37 6.22
N ALA A 81 -2.95 -4.78 5.48
CA ALA A 81 -3.04 -5.84 4.48
C ALA A 81 -2.99 -7.20 5.18
N VAL A 82 -2.06 -7.35 6.12
CA VAL A 82 -1.93 -8.62 6.82
C VAL A 82 -2.96 -8.62 7.95
N GLN A 83 -3.76 -9.69 8.02
CA GLN A 83 -4.93 -9.76 8.89
C GLN A 83 -4.97 -11.09 9.61
N PRO A 84 -5.30 -11.11 10.92
CA PRO A 84 -5.30 -12.36 11.69
C PRO A 84 -6.41 -13.30 11.25
N ALA A 85 -6.07 -14.59 11.19
CA ALA A 85 -7.00 -15.61 10.73
C ALA A 85 -8.25 -15.67 11.62
N GLU A 86 -8.09 -15.37 12.91
CA GLU A 86 -9.20 -15.48 13.86
C GLU A 86 -10.42 -14.69 13.37
N LEU A 87 -10.22 -13.47 12.87
CA LEU A 87 -11.33 -12.68 12.36
C LEU A 87 -12.00 -13.39 11.20
N TRP A 88 -11.20 -14.06 10.37
CA TRP A 88 -11.71 -14.72 9.18
C TRP A 88 -12.46 -15.99 9.53
N GLN A 89 -12.13 -16.58 10.68
CA GLN A 89 -12.83 -17.76 11.16
C GLN A 89 -14.17 -17.35 11.75
N GLU A 90 -14.22 -16.14 12.32
CA GLU A 90 -15.46 -15.58 12.85
C GLU A 90 -16.52 -15.51 11.75
N SER A 91 -16.14 -15.02 10.56
CA SER A 91 -17.05 -14.89 9.44
C SER A 91 -17.24 -16.23 8.72
N GLY A 92 -16.29 -17.14 8.89
CA GLY A 92 -16.27 -18.41 8.18
C GLY A 92 -15.50 -18.35 6.86
N ARG A 93 -15.03 -17.16 6.46
CA ARG A 93 -14.43 -17.02 5.14
C ARG A 93 -12.99 -17.54 5.13
N TRP A 94 -12.40 -17.74 6.32
CA TRP A 94 -11.09 -18.36 6.41
C TRP A 94 -11.06 -19.63 5.55
N GLU A 95 -12.14 -20.41 5.65
CA GLU A 95 -12.31 -21.63 4.86
C GLU A 95 -13.10 -21.35 3.57
N GLN A 96 -14.14 -20.51 3.63
CA GLN A 96 -15.10 -20.44 2.54
C GLN A 96 -14.62 -19.57 1.38
N TYR A 97 -13.65 -18.66 1.62
CA TYR A 97 -13.22 -17.75 0.57
C TYR A 97 -12.61 -18.55 -0.58
N GLY A 98 -11.92 -19.66 -0.24
CA GLY A 98 -11.36 -20.56 -1.23
C GLY A 98 -9.91 -20.20 -1.55
N PRO A 99 -9.31 -20.76 -2.62
CA PRO A 99 -7.86 -20.64 -2.86
C PRO A 99 -7.37 -19.28 -3.33
N GLU A 100 -8.27 -18.30 -3.50
CA GLU A 100 -7.84 -16.94 -3.78
C GLU A 100 -7.30 -16.29 -2.51
N LEU A 101 -7.62 -16.85 -1.35
CA LEU A 101 -7.15 -16.27 -0.10
C LEU A 101 -5.71 -16.70 0.16
N LEU A 102 -4.81 -15.72 0.22
CA LEU A 102 -3.41 -15.99 0.48
C LEU A 102 -3.20 -16.06 1.98
N ARG A 103 -2.87 -17.26 2.48
CA ARG A 103 -2.70 -17.48 3.90
C ARG A 103 -1.21 -17.64 4.19
N LEU A 104 -0.83 -17.39 5.44
CA LEU A 104 0.56 -17.45 5.83
C LEU A 104 0.63 -17.60 7.35
N LYS A 105 1.85 -17.83 7.84
CA LYS A 105 2.11 -17.86 9.26
C LYS A 105 3.28 -16.93 9.55
N ASP A 106 3.28 -16.35 10.75
CA ASP A 106 4.39 -15.51 11.14
C ASP A 106 5.40 -16.36 11.89
N ARG A 107 6.44 -15.70 12.40
CA ARG A 107 7.57 -16.37 13.03
C ARG A 107 7.15 -17.00 14.36
N HIS A 108 5.98 -16.65 14.89
CA HIS A 108 5.48 -17.19 16.14
C HIS A 108 4.39 -18.24 15.90
N GLU A 109 4.23 -18.66 14.65
CA GLU A 109 3.27 -19.70 14.28
C GLU A 109 1.85 -19.14 14.23
N ARG A 110 1.67 -17.83 14.34
CA ARG A 110 0.34 -17.24 14.23
C ARG A 110 -0.07 -17.23 12.75
N GLU A 111 -1.38 -17.36 12.51
CA GLU A 111 -1.91 -17.49 11.16
C GLU A 111 -2.56 -16.19 10.72
N PHE A 112 -2.38 -15.86 9.44
CA PHE A 112 -2.85 -14.62 8.85
C PHE A 112 -3.22 -14.85 7.39
N CYS A 113 -3.94 -13.88 6.81
CA CYS A 113 -4.04 -13.76 5.37
C CYS A 113 -3.54 -12.38 4.96
N VAL A 114 -3.23 -12.22 3.66
CA VAL A 114 -3.18 -10.90 3.06
C VAL A 114 -4.60 -10.59 2.59
N GLY A 115 -5.09 -9.39 2.89
CA GLY A 115 -6.49 -9.08 2.68
C GLY A 115 -6.86 -9.07 1.19
N PRO A 116 -7.84 -9.88 0.74
CA PRO A 116 -8.43 -9.71 -0.59
C PRO A 116 -9.54 -8.66 -0.57
N THR A 117 -9.97 -8.32 0.65
CA THR A 117 -11.06 -7.41 0.96
C THR A 117 -11.12 -7.34 2.49
N HIS A 118 -11.91 -6.43 3.07
CA HIS A 118 -11.72 -6.09 4.47
C HIS A 118 -13.01 -6.07 5.29
N GLU A 119 -14.03 -6.85 4.91
CA GLU A 119 -15.29 -6.88 5.64
C GLU A 119 -15.06 -7.18 7.13
N GLU A 120 -14.25 -8.21 7.41
CA GLU A 120 -14.01 -8.65 8.78
C GLU A 120 -13.27 -7.59 9.59
N VAL A 121 -12.26 -6.95 8.98
CA VAL A 121 -11.44 -5.98 9.68
C VAL A 121 -12.29 -4.75 10.04
N ILE A 122 -13.11 -4.28 9.09
CA ILE A 122 -13.91 -3.09 9.34
C ILE A 122 -15.05 -3.40 10.32
N THR A 123 -15.54 -4.65 10.31
CA THR A 123 -16.58 -5.06 11.25
C THR A 123 -15.98 -5.13 12.66
N ASP A 124 -14.74 -5.61 12.77
CA ASP A 124 -14.04 -5.64 14.05
C ASP A 124 -13.80 -4.21 14.53
N LEU A 125 -13.49 -3.30 13.61
CA LEU A 125 -13.32 -1.89 13.92
C LEU A 125 -14.62 -1.35 14.50
N ALA A 126 -15.70 -1.55 13.74
CA ALA A 126 -16.99 -0.96 14.04
C ALA A 126 -17.52 -1.42 15.40
N ARG A 127 -17.24 -2.66 15.81
CA ARG A 127 -17.83 -3.17 17.05
C ARG A 127 -17.03 -2.64 18.25
N ASN A 128 -15.87 -2.06 17.99
CA ASN A 128 -15.13 -1.34 19.01
C ASN A 128 -15.35 0.17 18.90
N GLU A 129 -15.65 0.68 17.71
CA GLU A 129 -15.68 2.13 17.54
C GLU A 129 -17.12 2.68 17.53
N LEU A 130 -18.11 1.87 17.15
CA LEU A 130 -19.47 2.36 17.07
C LEU A 130 -20.24 1.87 18.30
N ASN A 131 -20.56 2.81 19.20
CA ASN A 131 -21.18 2.47 20.46
C ASN A 131 -22.50 3.24 20.66
N SER A 132 -22.88 4.11 19.72
CA SER A 132 -24.07 4.92 19.89
C SER A 132 -24.77 5.14 18.55
N TYR A 133 -26.11 5.15 18.60
CA TYR A 133 -26.96 5.36 17.45
C TYR A 133 -26.67 6.74 16.85
N LYS A 134 -26.15 7.65 17.67
CA LYS A 134 -25.86 9.02 17.24
C LYS A 134 -24.72 9.04 16.21
N GLN A 135 -23.98 7.94 16.09
CA GLN A 135 -22.84 7.85 15.19
C GLN A 135 -23.29 7.39 13.80
N LEU A 136 -24.52 6.87 13.71
CA LEU A 136 -25.01 6.19 12.52
C LEU A 136 -25.99 7.09 11.78
N PRO A 137 -26.08 7.03 10.43
CA PRO A 137 -25.24 6.16 9.60
C PRO A 137 -23.79 6.62 9.48
N ILE A 138 -22.91 5.66 9.17
CA ILE A 138 -21.50 5.95 8.97
C ILE A 138 -20.97 5.05 7.87
N ASN A 139 -20.10 5.63 7.03
CA ASN A 139 -19.52 4.97 5.86
C ASN A 139 -18.01 5.20 5.91
N PHE A 140 -17.24 4.11 6.07
CA PHE A 140 -15.78 4.20 6.05
C PHE A 140 -15.26 3.62 4.72
N TYR A 141 -14.19 4.20 4.15
CA TYR A 141 -13.59 3.70 2.93
C TYR A 141 -12.06 3.76 3.01
N GLN A 142 -11.40 2.97 2.16
CA GLN A 142 -9.96 3.08 1.96
C GLN A 142 -9.64 2.90 0.48
N ILE A 143 -8.44 3.37 0.12
CA ILE A 143 -7.82 3.04 -1.15
C ILE A 143 -6.54 2.30 -0.80
N GLN A 144 -6.53 0.99 -1.03
CA GLN A 144 -5.58 0.13 -0.36
C GLN A 144 -5.37 -1.12 -1.20
N THR A 145 -4.14 -1.67 -1.10
CA THR A 145 -3.65 -2.67 -2.02
C THR A 145 -4.13 -4.05 -1.58
N LYS A 146 -4.87 -4.73 -2.46
CA LYS A 146 -5.39 -6.05 -2.15
C LYS A 146 -4.52 -7.12 -2.82
N PHE A 147 -4.73 -8.36 -2.36
CA PHE A 147 -4.11 -9.53 -2.96
C PHE A 147 -5.18 -10.62 -3.09
N ARG A 148 -5.37 -11.12 -4.30
CA ARG A 148 -6.16 -12.31 -4.53
C ARG A 148 -5.36 -13.27 -5.39
N ASP A 149 -5.32 -14.54 -4.98
CA ASP A 149 -4.52 -15.55 -5.65
C ASP A 149 -5.29 -16.10 -6.87
N GLU A 150 -5.62 -15.18 -7.79
CA GLU A 150 -6.17 -15.51 -9.09
C GLU A 150 -5.43 -16.70 -9.69
N ILE A 151 -6.14 -17.79 -10.00
CA ILE A 151 -5.50 -19.04 -10.43
C ILE A 151 -4.64 -18.82 -11.68
N ARG A 152 -5.12 -18.01 -12.62
CA ARG A 152 -4.41 -17.73 -13.86
C ARG A 152 -4.34 -16.23 -14.11
N PRO A 153 -3.42 -15.50 -13.43
CA PRO A 153 -3.33 -14.05 -13.57
C PRO A 153 -3.07 -13.76 -15.04
N ARG A 154 -3.84 -12.84 -15.60
CA ARG A 154 -3.76 -12.54 -17.03
C ARG A 154 -4.38 -11.17 -17.29
N PHE A 155 -4.34 -10.75 -18.56
CA PHE A 155 -4.91 -9.51 -19.04
C PHE A 155 -4.28 -8.31 -18.33
N GLY A 156 -2.98 -8.41 -18.03
CA GLY A 156 -2.24 -7.35 -17.35
C GLY A 156 -2.86 -7.00 -15.99
N LEU A 157 -3.33 -5.75 -15.87
CA LEU A 157 -3.90 -5.23 -14.63
C LEU A 157 -5.29 -5.78 -14.36
N MET A 158 -5.95 -6.33 -15.38
CA MET A 158 -7.36 -6.66 -15.30
C MET A 158 -7.61 -7.82 -14.34
N ARG A 159 -6.72 -8.82 -14.37
CA ARG A 159 -6.80 -9.96 -13.48
C ARG A 159 -5.43 -10.20 -12.85
N GLY A 160 -4.93 -9.18 -12.16
CA GLY A 160 -3.69 -9.32 -11.42
C GLY A 160 -3.94 -10.07 -10.12
N ARG A 161 -2.90 -10.19 -9.29
CA ARG A 161 -3.03 -10.76 -7.97
C ARG A 161 -2.94 -9.66 -6.92
N GLU A 162 -2.00 -8.73 -7.11
CA GLU A 162 -1.95 -7.52 -6.33
C GLU A 162 -2.57 -6.38 -7.15
N PHE A 163 -3.55 -5.71 -6.56
CA PHE A 163 -4.23 -4.61 -7.24
C PHE A 163 -4.79 -3.62 -6.20
N ILE A 164 -5.06 -2.41 -6.68
CA ILE A 164 -5.57 -1.38 -5.79
C ILE A 164 -7.08 -1.35 -5.91
N MET A 165 -7.74 -1.35 -4.75
CA MET A 165 -9.18 -1.21 -4.74
C MET A 165 -9.53 -0.06 -3.79
N LYS A 166 -10.53 0.72 -4.17
CA LYS A 166 -11.25 1.55 -3.23
C LYS A 166 -12.40 0.70 -2.70
N ASP A 167 -12.38 0.43 -1.39
CA ASP A 167 -13.40 -0.38 -0.73
C ASP A 167 -14.00 0.44 0.41
N ALA A 168 -15.34 0.52 0.41
CA ALA A 168 -16.12 1.28 1.36
C ALA A 168 -17.14 0.35 2.03
N TYR A 169 -17.45 0.67 3.30
CA TYR A 169 -18.34 -0.12 4.11
C TYR A 169 -19.21 0.83 4.91
N SER A 170 -20.54 0.65 4.86
CA SER A 170 -21.46 1.54 5.54
C SER A 170 -22.28 0.77 6.59
N PHE A 171 -22.67 1.47 7.64
CA PHE A 171 -23.27 0.88 8.83
C PHE A 171 -24.55 1.61 9.21
N HIS A 172 -25.60 0.86 9.55
CA HIS A 172 -26.95 1.40 9.60
C HIS A 172 -27.84 0.67 10.60
N LEU A 173 -28.81 1.42 11.16
CA LEU A 173 -29.79 0.89 12.08
C LEU A 173 -31.06 0.41 11.35
N SER A 174 -31.21 0.78 10.08
CA SER A 174 -32.41 0.42 9.33
C SER A 174 -32.07 0.20 7.85
N GLN A 175 -32.91 -0.59 7.17
CA GLN A 175 -32.80 -0.85 5.75
C GLN A 175 -32.97 0.42 4.94
N ASP A 176 -33.89 1.31 5.35
CA ASP A 176 -34.10 2.58 4.66
C ASP A 176 -32.84 3.43 4.75
N SER A 177 -32.19 3.45 5.92
CA SER A 177 -30.92 4.15 6.09
C SER A 177 -29.88 3.61 5.11
N LEU A 178 -29.78 2.28 5.00
CA LEU A 178 -28.83 1.66 4.08
C LEU A 178 -29.13 2.12 2.65
N GLN A 179 -30.42 2.12 2.27
CA GLN A 179 -30.82 2.44 0.91
C GLN A 179 -30.38 3.85 0.54
N GLN A 180 -30.45 4.80 1.50
CA GLN A 180 -30.05 6.17 1.24
C GLN A 180 -28.56 6.23 0.91
N THR A 181 -27.73 5.63 1.78
CA THR A 181 -26.29 5.60 1.57
C THR A 181 -25.93 4.84 0.28
N TYR A 182 -26.61 3.71 0.04
CA TYR A 182 -26.36 2.89 -1.13
C TYR A 182 -26.65 3.68 -2.41
N ASP A 183 -27.77 4.43 -2.41
CA ASP A 183 -28.13 5.27 -3.55
C ASP A 183 -27.11 6.39 -3.71
N GLY A 184 -26.62 6.91 -2.59
CA GLY A 184 -25.61 7.95 -2.60
C GLY A 184 -24.27 7.42 -3.13
N MET A 185 -23.98 6.14 -2.86
CA MET A 185 -22.77 5.52 -3.37
C MET A 185 -22.92 5.26 -4.88
N TYR A 186 -24.12 4.83 -5.31
CA TYR A 186 -24.44 4.65 -6.73
C TYR A 186 -24.24 5.95 -7.49
N GLN A 187 -24.73 7.06 -6.92
CA GLN A 187 -24.60 8.37 -7.55
C GLN A 187 -23.13 8.81 -7.56
N ALA A 188 -22.41 8.57 -6.45
CA ALA A 188 -21.00 8.91 -6.39
C ALA A 188 -20.20 8.16 -7.44
N TYR A 189 -20.51 6.87 -7.65
CA TYR A 189 -19.82 6.07 -8.65
C TYR A 189 -20.06 6.68 -10.03
N SER A 190 -21.30 7.12 -10.30
CA SER A 190 -21.64 7.69 -11.60
C SER A 190 -20.82 8.96 -11.87
N LYS A 191 -20.62 9.78 -10.83
CA LYS A 191 -19.83 10.98 -10.94
C LYS A 191 -18.36 10.64 -11.15
N ILE A 192 -17.89 9.57 -10.52
CA ILE A 192 -16.49 9.16 -10.65
C ILE A 192 -16.23 8.83 -12.12
N PHE A 193 -17.04 7.92 -12.68
CA PHE A 193 -16.74 7.39 -14.02
C PHE A 193 -17.04 8.43 -15.09
N SER A 194 -17.95 9.38 -14.86
CA SER A 194 -18.16 10.48 -15.79
C SER A 194 -16.93 11.38 -15.83
N ARG A 195 -16.41 11.69 -14.64
CA ARG A 195 -15.26 12.58 -14.49
C ARG A 195 -14.01 11.94 -15.09
N LEU A 196 -13.90 10.61 -15.00
CA LEU A 196 -12.82 9.87 -15.63
C LEU A 196 -13.03 9.79 -17.15
N GLY A 197 -14.16 10.28 -17.65
CA GLY A 197 -14.38 10.40 -19.08
C GLY A 197 -14.59 9.06 -19.76
N LEU A 198 -15.10 8.08 -19.01
CA LEU A 198 -15.34 6.74 -19.55
C LEU A 198 -16.80 6.63 -19.95
N ASP A 199 -17.06 5.86 -21.01
CA ASP A 199 -18.41 5.48 -21.39
C ASP A 199 -18.76 4.23 -20.59
N PHE A 200 -19.71 4.37 -19.66
CA PHE A 200 -19.95 3.35 -18.66
C PHE A 200 -21.45 3.23 -18.42
N ARG A 201 -21.85 2.08 -17.86
CA ARG A 201 -23.24 1.86 -17.47
C ARG A 201 -23.29 1.13 -16.13
N PRO A 202 -24.17 1.56 -15.20
CA PRO A 202 -24.52 0.73 -14.05
C PRO A 202 -25.57 -0.31 -14.45
N VAL A 203 -25.46 -1.52 -13.91
CA VAL A 203 -26.40 -2.58 -14.23
C VAL A 203 -26.82 -3.29 -12.94
N GLN A 204 -28.04 -3.84 -12.92
CA GLN A 204 -28.45 -4.69 -11.83
C GLN A 204 -27.58 -5.95 -11.85
N ALA A 205 -27.25 -6.48 -10.67
CA ALA A 205 -26.33 -7.60 -10.57
C ALA A 205 -26.78 -8.62 -9.52
N ASP A 206 -26.12 -9.78 -9.55
CA ASP A 206 -26.18 -10.77 -8.49
C ASP A 206 -25.09 -10.44 -7.48
N ASN A 207 -25.35 -10.73 -6.19
CA ASN A 207 -24.42 -10.40 -5.13
C ASN A 207 -23.24 -11.39 -5.10
N GLY A 208 -23.40 -12.56 -5.74
CA GLY A 208 -22.31 -13.51 -5.87
C GLY A 208 -21.82 -13.99 -4.50
N SER A 209 -20.49 -14.13 -4.37
CA SER A 209 -19.87 -14.66 -3.17
C SER A 209 -19.87 -13.62 -2.04
N ILE A 210 -19.94 -12.33 -2.38
CA ILE A 210 -19.94 -11.28 -1.36
C ILE A 210 -21.20 -11.41 -0.50
N GLY A 211 -22.34 -11.70 -1.14
CA GLY A 211 -23.56 -12.04 -0.41
C GLY A 211 -24.49 -10.85 -0.24
N GLY A 212 -25.58 -11.11 0.49
CA GLY A 212 -26.67 -10.16 0.66
C GLY A 212 -27.62 -10.22 -0.53
N SER A 213 -28.57 -9.28 -0.55
CA SER A 213 -29.57 -9.22 -1.60
C SER A 213 -29.70 -7.77 -2.09
N GLY A 214 -29.43 -7.56 -3.37
CA GLY A 214 -29.42 -6.23 -3.95
C GLY A 214 -27.99 -5.74 -4.19
N SER A 215 -27.63 -5.60 -5.46
CA SER A 215 -26.32 -5.12 -5.84
C SER A 215 -26.38 -4.61 -7.28
N HIS A 216 -25.45 -3.71 -7.62
CA HIS A 216 -25.30 -3.19 -8.96
C HIS A 216 -23.82 -3.23 -9.34
N GLU A 217 -23.54 -3.40 -10.63
CA GLU A 217 -22.18 -3.33 -11.15
C GLU A 217 -22.07 -2.09 -12.02
N PHE A 218 -20.86 -1.51 -12.08
CA PHE A 218 -20.56 -0.46 -13.03
C PHE A 218 -19.56 -1.00 -14.04
N HIS A 219 -19.90 -0.89 -15.32
CA HIS A 219 -19.10 -1.46 -16.38
C HIS A 219 -18.63 -0.36 -17.32
N VAL A 220 -17.38 -0.49 -17.77
CA VAL A 220 -16.87 0.26 -18.90
C VAL A 220 -17.19 -0.53 -20.15
N LEU A 221 -17.84 0.12 -21.12
CA LEU A 221 -18.21 -0.52 -22.38
C LEU A 221 -16.96 -0.70 -23.24
N ALA A 222 -16.68 -1.96 -23.62
CA ALA A 222 -15.53 -2.26 -24.45
C ALA A 222 -15.69 -3.63 -25.11
N ASN A 223 -15.17 -3.75 -26.33
CA ASN A 223 -15.27 -4.96 -27.14
C ASN A 223 -14.63 -6.17 -26.48
N SER A 224 -13.68 -5.94 -25.54
CA SER A 224 -12.96 -7.04 -24.91
C SER A 224 -13.56 -7.41 -23.55
N GLY A 225 -14.62 -6.70 -23.14
CA GLY A 225 -15.24 -6.93 -21.85
C GLY A 225 -15.61 -8.38 -21.62
N GLU A 226 -15.31 -8.89 -20.42
CA GLU A 226 -15.55 -10.30 -20.09
C GLU A 226 -17.00 -10.54 -19.70
N ASP A 227 -17.71 -9.50 -19.28
CA ASP A 227 -19.07 -9.66 -18.80
C ASP A 227 -20.05 -9.34 -19.91
N ASP A 228 -21.13 -10.12 -20.00
CA ASP A 228 -22.23 -9.80 -20.89
C ASP A 228 -23.23 -8.98 -20.09
N ILE A 229 -23.51 -7.77 -20.58
CA ILE A 229 -24.43 -6.88 -19.91
C ILE A 229 -25.60 -6.56 -20.85
N VAL A 230 -26.79 -6.52 -20.26
CA VAL A 230 -28.04 -6.62 -21.01
C VAL A 230 -28.79 -5.29 -20.88
N PHE A 231 -29.26 -4.76 -22.01
CA PHE A 231 -29.99 -3.50 -22.04
C PHE A 231 -31.26 -3.64 -22.88
N SER A 232 -32.32 -2.94 -22.46
CA SER A 232 -33.50 -2.75 -23.29
C SER A 232 -33.21 -1.65 -24.31
N ASP A 233 -33.73 -1.81 -25.53
CA ASP A 233 -33.55 -0.80 -26.57
C ASP A 233 -34.53 0.36 -26.39
N SER A 234 -35.50 0.25 -25.45
CA SER A 234 -36.56 1.24 -25.33
C SER A 234 -36.80 1.68 -23.89
N SER A 235 -35.99 1.21 -22.95
CA SER A 235 -36.13 1.61 -21.55
C SER A 235 -34.75 1.70 -20.92
N ASP A 236 -34.72 1.97 -19.61
N ASP A 236 -34.71 1.98 -19.61
CA ASP A 236 -33.48 2.09 -18.87
CA ASP A 236 -33.47 2.09 -18.89
C ASP A 236 -33.12 0.76 -18.21
C ASP A 236 -33.11 0.76 -18.23
N TYR A 237 -33.83 -0.31 -18.61
CA TYR A 237 -33.55 -1.63 -18.09
C TYR A 237 -32.10 -2.00 -18.40
N ALA A 238 -31.37 -2.46 -17.38
CA ALA A 238 -29.98 -2.82 -17.56
C ALA A 238 -29.58 -3.84 -16.49
N ALA A 239 -29.01 -4.96 -16.93
CA ALA A 239 -28.66 -6.02 -16.00
C ALA A 239 -27.52 -6.86 -16.55
N ASN A 240 -26.67 -7.33 -15.65
CA ASN A 240 -25.72 -8.38 -15.97
C ASN A 240 -26.53 -9.59 -16.43
N ILE A 241 -26.00 -10.35 -17.39
CA ILE A 241 -26.71 -11.51 -17.91
C ILE A 241 -26.95 -12.53 -16.79
N GLU A 242 -26.11 -12.50 -15.76
CA GLU A 242 -26.29 -13.34 -14.60
C GLU A 242 -27.66 -13.08 -13.97
N LYS A 243 -28.03 -11.79 -13.89
CA LYS A 243 -29.20 -11.31 -13.17
C LYS A 243 -30.43 -11.15 -14.08
N ALA A 244 -30.21 -10.96 -15.39
CA ALA A 244 -31.29 -10.50 -16.27
C ALA A 244 -32.42 -11.52 -16.35
N GLU A 245 -33.65 -11.05 -16.14
CA GLU A 245 -34.82 -11.91 -16.17
C GLU A 245 -35.14 -12.26 -17.63
N ALA A 246 -35.33 -13.56 -17.89
CA ALA A 246 -35.73 -14.07 -19.18
C ALA A 246 -37.24 -14.34 -19.17
N VAL A 247 -37.92 -13.86 -20.22
CA VAL A 247 -39.34 -14.12 -20.40
C VAL A 247 -39.52 -14.69 -21.81
N PRO A 248 -40.52 -15.57 -22.03
CA PRO A 248 -40.73 -16.16 -23.37
C PRO A 248 -41.19 -15.16 -24.43
N ARG A 249 -40.81 -15.44 -25.69
CA ARG A 249 -41.28 -14.69 -26.85
C ARG A 249 -42.73 -15.05 -27.16
N GLU A 250 -43.09 -16.31 -26.88
CA GLU A 250 -44.43 -16.82 -27.11
C GLU A 250 -45.32 -16.48 -25.91
N SER A 251 -46.62 -16.29 -26.17
CA SER A 251 -47.58 -15.96 -25.12
C SER A 251 -48.26 -17.23 -24.62
N ALA A 252 -48.43 -18.22 -25.50
CA ALA A 252 -49.14 -19.44 -25.15
C ALA A 252 -48.50 -20.65 -25.80
N ARG A 253 -48.88 -21.81 -25.28
CA ARG A 253 -48.48 -23.10 -25.83
C ARG A 253 -49.29 -23.41 -27.07
N GLY A 254 -48.60 -23.79 -28.16
CA GLY A 254 -49.25 -24.14 -29.40
C GLY A 254 -50.02 -25.46 -29.30
N SER A 255 -50.98 -25.63 -30.21
CA SER A 255 -51.77 -26.85 -30.27
C SER A 255 -50.89 -28.03 -30.67
N ALA A 256 -51.12 -29.18 -30.04
CA ALA A 256 -50.41 -30.41 -30.37
C ALA A 256 -50.78 -30.88 -31.76
N THR A 257 -49.78 -31.08 -32.63
CA THR A 257 -50.00 -31.47 -34.02
C THR A 257 -49.50 -32.89 -34.31
N GLU A 258 -48.67 -33.46 -33.43
CA GLU A 258 -48.15 -34.80 -33.62
C GLU A 258 -48.42 -35.64 -32.38
N ASP A 259 -48.44 -36.97 -32.56
CA ASP A 259 -48.54 -37.90 -31.45
C ASP A 259 -47.13 -38.18 -30.95
N MET A 260 -47.00 -38.52 -29.66
CA MET A 260 -45.69 -38.81 -29.10
C MET A 260 -45.22 -40.17 -29.63
N ARG A 261 -43.94 -40.28 -29.99
CA ARG A 261 -43.40 -41.52 -30.54
C ARG A 261 -41.97 -41.75 -30.05
N LEU A 262 -41.63 -43.02 -29.86
CA LEU A 262 -40.31 -43.43 -29.40
C LEU A 262 -39.43 -43.67 -30.62
N VAL A 263 -38.23 -43.07 -30.59
CA VAL A 263 -37.31 -43.09 -31.71
C VAL A 263 -35.96 -43.62 -31.23
N ASP A 264 -35.38 -44.54 -32.02
CA ASP A 264 -34.02 -45.01 -31.79
C ASP A 264 -33.05 -43.94 -32.25
N THR A 265 -32.17 -43.52 -31.31
CA THR A 265 -31.24 -42.43 -31.51
C THR A 265 -29.86 -42.84 -30.98
N PRO A 266 -29.23 -43.89 -31.54
CA PRO A 266 -27.87 -44.25 -31.15
C PRO A 266 -26.91 -43.14 -31.57
N ASN A 267 -25.86 -42.94 -30.76
CA ASN A 267 -24.81 -41.98 -31.04
C ASN A 267 -25.41 -40.58 -31.19
N THR A 268 -26.52 -40.32 -30.47
CA THR A 268 -27.17 -39.02 -30.51
C THR A 268 -27.21 -38.44 -29.09
N LYS A 269 -26.17 -37.68 -28.76
CA LYS A 269 -25.96 -37.26 -27.38
C LYS A 269 -25.92 -35.73 -27.28
N THR A 270 -26.01 -35.02 -28.42
CA THR A 270 -25.97 -33.57 -28.39
C THR A 270 -27.23 -33.03 -29.08
N ILE A 271 -27.54 -31.76 -28.82
CA ILE A 271 -28.55 -31.03 -29.57
C ILE A 271 -28.17 -31.06 -31.05
N ALA A 272 -26.90 -30.74 -31.36
CA ALA A 272 -26.43 -30.70 -32.73
C ALA A 272 -26.71 -32.03 -33.44
N ALA A 273 -26.45 -33.14 -32.74
CA ALA A 273 -26.57 -34.47 -33.35
C ALA A 273 -28.03 -34.78 -33.64
N LEU A 274 -28.92 -34.36 -32.73
CA LEU A 274 -30.35 -34.59 -32.91
C LEU A 274 -30.86 -33.77 -34.09
N VAL A 275 -30.49 -32.48 -34.13
CA VAL A 275 -30.89 -31.58 -35.20
C VAL A 275 -30.44 -32.13 -36.56
N ASP A 276 -29.15 -32.47 -36.67
CA ASP A 276 -28.56 -32.88 -37.93
C ASP A 276 -29.09 -34.25 -38.35
N GLY A 277 -29.27 -35.14 -37.38
CA GLY A 277 -29.65 -36.53 -37.65
C GLY A 277 -31.12 -36.69 -38.02
N PHE A 278 -31.98 -35.74 -37.62
CA PHE A 278 -33.42 -35.89 -37.76
C PHE A 278 -34.08 -34.64 -38.36
N GLN A 279 -33.26 -33.68 -38.81
CA GLN A 279 -33.73 -32.43 -39.36
C GLN A 279 -34.79 -31.80 -38.46
N LEU A 280 -34.53 -31.77 -37.15
CA LEU A 280 -35.39 -31.07 -36.22
C LEU A 280 -34.94 -29.62 -36.13
N PRO A 281 -35.89 -28.65 -36.01
CA PRO A 281 -35.54 -27.29 -35.59
C PRO A 281 -35.00 -27.34 -34.18
N ILE A 282 -33.99 -26.52 -33.89
CA ILE A 282 -33.35 -26.53 -32.58
C ILE A 282 -34.36 -26.07 -31.52
N GLU A 283 -35.37 -25.28 -31.94
CA GLU A 283 -36.36 -24.76 -31.01
C GLU A 283 -37.42 -25.81 -30.66
N LYS A 284 -37.24 -27.04 -31.13
CA LYS A 284 -38.14 -28.13 -30.77
C LYS A 284 -37.36 -29.18 -29.99
N THR A 285 -36.16 -28.81 -29.52
CA THR A 285 -35.32 -29.68 -28.73
C THR A 285 -35.13 -29.07 -27.34
N ILE A 286 -34.70 -29.91 -26.40
CA ILE A 286 -34.46 -29.46 -25.04
C ILE A 286 -33.15 -30.08 -24.54
N LYS A 287 -32.53 -29.37 -23.60
CA LYS A 287 -31.39 -29.88 -22.85
C LYS A 287 -31.84 -30.16 -21.43
N THR A 288 -31.44 -31.31 -20.88
CA THR A 288 -31.79 -31.70 -19.52
C THR A 288 -30.51 -31.84 -18.69
N LEU A 289 -30.34 -30.93 -17.74
CA LEU A 289 -29.14 -30.91 -16.90
C LEU A 289 -29.54 -31.38 -15.50
N VAL A 290 -28.81 -32.37 -14.97
CA VAL A 290 -29.12 -32.94 -13.66
C VAL A 290 -28.14 -32.38 -12.64
N VAL A 291 -28.68 -31.87 -11.54
CA VAL A 291 -27.89 -31.22 -10.50
C VAL A 291 -28.32 -31.81 -9.16
N HIS A 292 -27.52 -31.54 -8.12
CA HIS A 292 -27.83 -32.00 -6.77
C HIS A 292 -28.94 -31.17 -6.13
N GLY A 293 -29.86 -31.86 -5.47
CA GLY A 293 -30.95 -31.20 -4.78
C GLY A 293 -30.52 -30.68 -3.42
N ALA A 294 -31.24 -29.67 -2.93
CA ALA A 294 -31.05 -29.08 -1.62
C ALA A 294 -31.23 -30.15 -0.54
N GLU A 295 -32.22 -31.03 -0.76
CA GLU A 295 -32.45 -32.18 0.08
C GLU A 295 -31.32 -33.18 -0.17
N GLU A 296 -30.57 -33.50 0.89
CA GLU A 296 -29.33 -34.24 0.75
C GLU A 296 -29.59 -35.58 0.05
N GLY A 297 -28.75 -35.87 -0.96
CA GLY A 297 -28.80 -37.15 -1.66
C GLY A 297 -29.84 -37.20 -2.77
N THR A 298 -30.51 -36.07 -3.04
CA THR A 298 -31.49 -36.00 -4.12
C THR A 298 -30.86 -35.34 -5.34
N LEU A 299 -31.52 -35.58 -6.48
CA LEU A 299 -31.21 -34.92 -7.73
C LEU A 299 -32.43 -34.14 -8.22
N VAL A 300 -32.15 -33.14 -9.06
CA VAL A 300 -33.16 -32.34 -9.71
C VAL A 300 -32.74 -32.12 -11.17
N ALA A 301 -33.67 -32.36 -12.10
CA ALA A 301 -33.44 -32.08 -13.51
C ALA A 301 -33.88 -30.66 -13.85
N LEU A 302 -33.00 -29.92 -14.54
CA LEU A 302 -33.29 -28.57 -15.01
C LEU A 302 -33.29 -28.59 -16.53
N ILE A 303 -34.38 -28.09 -17.14
CA ILE A 303 -34.53 -28.17 -18.58
C ILE A 303 -34.62 -26.78 -19.19
N VAL A 304 -33.81 -26.57 -20.24
CA VAL A 304 -33.92 -25.37 -21.06
C VAL A 304 -34.03 -25.82 -22.52
N ARG A 305 -34.49 -24.90 -23.37
CA ARG A 305 -34.65 -25.16 -24.79
C ARG A 305 -33.28 -25.35 -25.43
N GLY A 306 -33.25 -26.10 -26.54
CA GLY A 306 -32.01 -26.53 -27.18
C GLY A 306 -31.10 -25.40 -27.63
N ASP A 307 -31.68 -24.22 -27.93
CA ASP A 307 -30.91 -23.07 -28.38
C ASP A 307 -30.51 -22.18 -27.20
N HIS A 308 -30.96 -22.56 -26.00
CA HIS A 308 -30.73 -21.76 -24.80
C HIS A 308 -29.62 -22.34 -23.95
N GLU A 309 -29.19 -21.57 -22.94
CA GLU A 309 -28.20 -21.99 -21.97
C GLU A 309 -28.77 -21.86 -20.56
N LEU A 310 -28.43 -22.85 -19.73
CA LEU A 310 -28.77 -22.78 -18.31
C LEU A 310 -27.99 -21.66 -17.65
N ASN A 311 -28.72 -20.80 -16.92
CA ASN A 311 -28.12 -19.78 -16.09
C ASN A 311 -27.87 -20.37 -14.70
N GLU A 312 -26.59 -20.52 -14.34
CA GLU A 312 -26.22 -21.30 -13.17
C GLU A 312 -26.57 -20.59 -11.86
N ILE A 313 -26.63 -19.26 -11.88
CA ILE A 313 -27.03 -18.48 -10.72
C ILE A 313 -28.53 -18.64 -10.48
N LYS A 314 -29.30 -18.56 -11.57
CA LYS A 314 -30.74 -18.79 -11.48
C LYS A 314 -31.00 -20.21 -10.98
N ALA A 315 -30.23 -21.19 -11.49
CA ALA A 315 -30.41 -22.58 -11.12
C ALA A 315 -30.23 -22.75 -9.61
N ALA A 316 -29.15 -22.18 -9.07
CA ALA A 316 -28.80 -22.32 -7.67
C ALA A 316 -29.83 -21.64 -6.76
N ASN A 317 -30.51 -20.61 -7.30
CA ASN A 317 -31.47 -19.84 -6.53
C ASN A 317 -32.77 -20.62 -6.33
N GLN A 318 -32.99 -21.71 -7.06
CA GLN A 318 -34.24 -22.45 -6.96
C GLN A 318 -34.25 -23.23 -5.63
N PRO A 319 -35.32 -23.13 -4.82
CA PRO A 319 -35.34 -23.75 -3.49
C PRO A 319 -34.98 -25.25 -3.51
N LEU A 320 -35.45 -25.98 -4.54
CA LEU A 320 -35.19 -27.41 -4.68
C LEU A 320 -33.72 -27.70 -4.98
N VAL A 321 -32.94 -26.70 -5.42
CA VAL A 321 -31.60 -26.96 -5.93
C VAL A 321 -30.57 -26.52 -4.89
N ALA A 322 -29.58 -27.40 -4.66
CA ALA A 322 -28.50 -27.13 -3.73
C ALA A 322 -27.72 -25.92 -4.21
N SER A 323 -27.35 -25.04 -3.27
CA SER A 323 -26.50 -23.91 -3.57
C SER A 323 -25.29 -23.99 -2.64
N PRO A 324 -24.04 -23.96 -3.14
CA PRO A 324 -23.74 -23.72 -4.56
C PRO A 324 -24.07 -24.90 -5.47
N LEU A 325 -24.17 -24.61 -6.78
CA LEU A 325 -24.60 -25.61 -7.73
C LEU A 325 -23.54 -26.70 -7.86
N VAL A 326 -24.02 -27.95 -7.93
CA VAL A 326 -23.19 -29.13 -8.15
C VAL A 326 -23.89 -29.98 -9.19
N PHE A 327 -23.22 -30.26 -10.31
CA PHE A 327 -23.82 -31.10 -11.33
C PHE A 327 -23.65 -32.57 -10.93
N ALA A 328 -24.65 -33.38 -11.28
CA ALA A 328 -24.57 -34.80 -10.99
C ALA A 328 -23.58 -35.47 -11.94
N SER A 329 -22.83 -36.43 -11.40
CA SER A 329 -21.92 -37.25 -12.18
C SER A 329 -22.70 -38.16 -13.11
N GLU A 330 -22.02 -38.71 -14.13
CA GLU A 330 -22.65 -39.65 -15.03
C GLU A 330 -23.12 -40.89 -14.26
N ALA A 331 -22.33 -41.34 -13.27
CA ALA A 331 -22.67 -42.51 -12.46
C ALA A 331 -23.94 -42.25 -11.66
N GLU A 332 -24.06 -41.04 -11.09
CA GLU A 332 -25.22 -40.66 -10.29
C GLU A 332 -26.46 -40.61 -11.18
N ILE A 333 -26.30 -40.08 -12.39
CA ILE A 333 -27.41 -39.96 -13.33
C ILE A 333 -27.88 -41.36 -13.75
N ARG A 334 -26.95 -42.26 -14.09
CA ARG A 334 -27.30 -43.58 -14.58
C ARG A 334 -27.99 -44.41 -13.50
N ALA A 335 -27.52 -44.28 -12.25
CA ALA A 335 -28.12 -44.99 -11.13
C ALA A 335 -29.55 -44.51 -10.88
N ALA A 336 -29.75 -43.19 -10.88
CA ALA A 336 -31.05 -42.63 -10.56
C ALA A 336 -32.03 -42.85 -11.71
N ILE A 337 -31.59 -42.64 -12.96
CA ILE A 337 -32.53 -42.57 -14.07
C ILE A 337 -32.56 -43.89 -14.87
N GLY A 338 -31.44 -44.60 -14.96
CA GLY A 338 -31.39 -45.84 -15.73
C GLY A 338 -30.97 -45.58 -17.17
N ALA A 339 -30.62 -44.32 -17.46
CA ALA A 339 -30.06 -43.91 -18.73
C ALA A 339 -29.06 -42.79 -18.48
N GLY A 340 -28.17 -42.54 -19.44
CA GLY A 340 -27.08 -41.59 -19.27
C GLY A 340 -27.35 -40.24 -19.93
N PRO A 341 -26.46 -39.26 -19.72
CA PRO A 341 -26.56 -37.97 -20.40
C PRO A 341 -26.64 -38.16 -21.92
N GLY A 342 -27.45 -37.33 -22.57
CA GLY A 342 -27.75 -37.49 -23.98
C GLY A 342 -29.02 -38.30 -24.22
N SER A 343 -29.56 -38.98 -23.20
CA SER A 343 -30.74 -39.82 -23.37
C SER A 343 -31.80 -39.49 -22.32
N LEU A 344 -31.81 -38.23 -21.84
CA LEU A 344 -32.61 -37.82 -20.70
C LEU A 344 -33.71 -36.86 -21.14
N GLY A 345 -34.81 -36.87 -20.40
CA GLY A 345 -35.90 -35.94 -20.62
C GLY A 345 -36.93 -36.03 -19.52
N PRO A 346 -38.06 -35.28 -19.62
CA PRO A 346 -39.04 -35.22 -18.54
C PRO A 346 -40.09 -36.32 -18.49
N VAL A 347 -40.21 -37.12 -19.57
CA VAL A 347 -41.18 -38.21 -19.61
C VAL A 347 -40.62 -39.40 -18.83
N ASN A 348 -41.42 -39.90 -17.86
CA ASN A 348 -41.03 -41.04 -17.03
C ASN A 348 -39.68 -40.77 -16.35
N LEU A 349 -39.53 -39.53 -15.87
CA LEU A 349 -38.35 -39.12 -15.13
C LEU A 349 -38.59 -39.39 -13.64
N PRO A 350 -37.80 -40.25 -12.98
CA PRO A 350 -38.00 -40.53 -11.55
C PRO A 350 -37.40 -39.57 -10.52
N ILE A 351 -37.02 -38.34 -10.94
CA ILE A 351 -36.52 -37.32 -10.04
C ILE A 351 -37.35 -36.04 -10.27
N ALA A 352 -37.24 -35.08 -9.35
CA ALA A 352 -37.90 -33.79 -9.52
C ALA A 352 -37.37 -33.08 -10.77
N CYS A 353 -38.18 -32.15 -11.28
CA CYS A 353 -37.92 -31.49 -12.55
C CYS A 353 -38.40 -30.05 -12.50
N ILE A 354 -37.55 -29.13 -12.98
CA ILE A 354 -37.96 -27.75 -13.22
C ILE A 354 -37.65 -27.42 -14.69
N VAL A 355 -38.62 -26.85 -15.40
CA VAL A 355 -38.39 -26.44 -16.77
C VAL A 355 -38.37 -24.92 -16.84
N ASP A 356 -37.63 -24.40 -17.82
CA ASP A 356 -37.61 -22.98 -18.07
C ASP A 356 -38.97 -22.55 -18.62
N ARG A 357 -39.29 -21.25 -18.44
CA ARG A 357 -40.53 -20.67 -18.89
C ARG A 357 -40.77 -20.93 -20.37
N SER A 358 -39.71 -20.84 -21.18
CA SER A 358 -39.82 -21.07 -22.61
C SER A 358 -40.13 -22.54 -22.90
N VAL A 359 -39.66 -23.46 -22.04
CA VAL A 359 -39.89 -24.89 -22.26
C VAL A 359 -41.36 -25.22 -22.00
N ALA A 360 -41.97 -24.53 -21.03
CA ALA A 360 -43.37 -24.74 -20.66
C ALA A 360 -44.30 -24.50 -21.86
N LEU A 361 -43.90 -23.62 -22.78
CA LEU A 361 -44.74 -23.22 -23.90
C LEU A 361 -44.41 -24.00 -25.18
N MET A 362 -43.49 -24.96 -25.09
CA MET A 362 -43.09 -25.74 -26.25
C MET A 362 -44.19 -26.75 -26.60
N SER A 363 -44.31 -27.05 -27.90
CA SER A 363 -45.22 -28.09 -28.38
C SER A 363 -44.48 -29.01 -29.34
N ASP A 364 -44.93 -30.27 -29.41
CA ASP A 364 -44.40 -31.26 -30.34
C ASP A 364 -42.88 -31.29 -30.27
N PHE A 365 -42.32 -31.41 -29.06
CA PHE A 365 -40.88 -31.29 -28.90
C PHE A 365 -40.24 -32.67 -28.76
N ALA A 366 -38.91 -32.69 -28.84
CA ALA A 366 -38.14 -33.92 -28.76
C ALA A 366 -37.32 -33.89 -27.46
N ALA A 367 -37.32 -35.04 -26.76
CA ALA A 367 -36.63 -35.22 -25.50
C ALA A 367 -36.02 -36.61 -25.44
N GLY A 368 -34.86 -36.76 -24.78
CA GLY A 368 -34.37 -38.08 -24.45
C GLY A 368 -35.44 -38.85 -23.68
N ALA A 369 -35.50 -40.17 -23.89
CA ALA A 369 -36.63 -40.97 -23.42
C ALA A 369 -36.40 -41.49 -22.00
N ASN A 370 -35.23 -41.19 -21.42
CA ASN A 370 -34.79 -41.84 -20.20
C ASN A 370 -34.62 -43.35 -20.46
N ILE A 371 -34.39 -43.69 -21.73
CA ILE A 371 -33.94 -45.01 -22.13
C ILE A 371 -32.73 -44.78 -23.03
N GLU A 372 -31.64 -45.53 -22.82
CA GLU A 372 -30.39 -45.27 -23.52
C GLU A 372 -30.65 -45.34 -25.03
N ASP A 373 -30.10 -44.35 -25.75
CA ASP A 373 -30.16 -44.28 -27.21
C ASP A 373 -31.59 -44.19 -27.71
N LYS A 374 -32.50 -43.61 -26.91
CA LYS A 374 -33.84 -43.33 -27.41
C LYS A 374 -34.28 -41.93 -27.02
N HIS A 375 -35.20 -41.41 -27.84
CA HIS A 375 -35.84 -40.13 -27.63
C HIS A 375 -37.33 -40.30 -27.84
N TYR A 376 -38.11 -39.38 -27.28
CA TYR A 376 -39.50 -39.21 -27.63
C TYR A 376 -39.58 -37.99 -28.55
N PHE A 377 -40.26 -38.15 -29.70
CA PHE A 377 -40.61 -37.02 -30.54
C PHE A 377 -42.11 -36.76 -30.39
N GLY A 378 -42.50 -35.49 -30.57
CA GLY A 378 -43.91 -35.12 -30.55
C GLY A 378 -44.47 -35.08 -29.13
N VAL A 379 -43.63 -34.68 -28.18
CA VAL A 379 -44.05 -34.54 -26.79
C VAL A 379 -44.91 -33.28 -26.68
N ASN A 380 -46.01 -33.38 -25.93
CA ASN A 380 -46.86 -32.25 -25.61
C ASN A 380 -47.25 -32.31 -24.15
N TRP A 381 -47.12 -31.15 -23.49
CA TRP A 381 -47.44 -30.99 -22.08
C TRP A 381 -48.93 -31.27 -21.86
N GLU A 382 -49.26 -31.80 -20.68
CA GLU A 382 -50.62 -32.10 -20.28
C GLU A 382 -51.08 -33.41 -20.92
N ARG A 383 -51.05 -33.50 -22.26
CA ARG A 383 -51.51 -34.70 -22.96
C ARG A 383 -50.62 -35.90 -22.64
N ASP A 384 -49.29 -35.72 -22.70
CA ASP A 384 -48.37 -36.85 -22.63
C ASP A 384 -47.75 -36.99 -21.25
N LEU A 385 -47.71 -35.87 -20.51
CA LEU A 385 -47.14 -35.81 -19.17
C LEU A 385 -47.61 -34.51 -18.53
N PRO A 386 -47.73 -34.41 -17.18
CA PRO A 386 -48.11 -33.15 -16.56
C PRO A 386 -46.99 -32.12 -16.69
N LEU A 387 -47.33 -30.82 -16.71
CA LEU A 387 -46.29 -29.81 -16.67
C LEU A 387 -45.69 -29.80 -15.26
N PRO A 388 -44.34 -29.81 -15.11
CA PRO A 388 -43.72 -29.72 -13.78
C PRO A 388 -43.60 -28.26 -13.37
N GLU A 389 -42.85 -27.99 -12.31
CA GLU A 389 -42.60 -26.62 -11.90
C GLU A 389 -41.93 -25.87 -13.04
N VAL A 390 -42.26 -24.58 -13.15
CA VAL A 390 -41.71 -23.69 -14.14
C VAL A 390 -40.93 -22.60 -13.41
N ALA A 391 -39.82 -22.16 -14.02
CA ALA A 391 -39.01 -21.09 -13.45
C ALA A 391 -38.18 -20.44 -14.55
N ASP A 392 -37.70 -19.23 -14.28
CA ASP A 392 -36.70 -18.58 -15.10
C ASP A 392 -35.35 -19.25 -14.84
N LEU A 393 -34.89 -20.08 -15.78
CA LEU A 393 -33.67 -20.86 -15.61
C LEU A 393 -32.58 -20.46 -16.62
N ARG A 394 -32.93 -19.77 -17.71
CA ARG A 394 -32.00 -19.59 -18.82
C ARG A 394 -31.37 -18.20 -18.80
N ASN A 395 -30.32 -18.05 -19.62
CA ASN A 395 -29.81 -16.75 -20.00
C ASN A 395 -30.70 -16.14 -21.07
N VAL A 396 -30.86 -14.81 -21.03
CA VAL A 396 -31.47 -14.04 -22.11
C VAL A 396 -30.57 -14.12 -23.35
N VAL A 397 -31.20 -13.93 -24.52
CA VAL A 397 -30.48 -13.89 -25.79
C VAL A 397 -30.90 -12.62 -26.54
N GLU A 398 -30.02 -12.21 -27.46
CA GLU A 398 -30.25 -11.02 -28.25
C GLU A 398 -31.66 -11.07 -28.84
N GLY A 399 -32.41 -9.98 -28.68
CA GLY A 399 -33.73 -9.86 -29.29
C GLY A 399 -34.87 -10.38 -28.42
N ASP A 400 -34.57 -10.77 -27.16
CA ASP A 400 -35.60 -11.23 -26.25
C ASP A 400 -36.43 -10.04 -25.77
N PRO A 401 -37.68 -10.28 -25.32
CA PRO A 401 -38.50 -9.24 -24.70
C PRO A 401 -37.85 -8.71 -23.42
N SER A 402 -37.85 -7.39 -23.26
CA SER A 402 -37.37 -6.78 -22.03
C SER A 402 -38.30 -7.18 -20.90
N PRO A 403 -37.79 -7.62 -19.74
CA PRO A 403 -38.65 -8.10 -18.66
C PRO A 403 -39.53 -7.04 -18.02
N ASP A 404 -39.25 -5.75 -18.26
CA ASP A 404 -40.09 -4.67 -17.76
C ASP A 404 -41.25 -4.36 -18.73
N GLY A 405 -41.30 -5.03 -19.89
CA GLY A 405 -42.40 -4.88 -20.83
C GLY A 405 -42.13 -3.82 -21.90
N LYS A 406 -40.95 -3.18 -21.84
CA LYS A 406 -40.63 -2.07 -22.73
C LYS A 406 -39.42 -2.43 -23.58
N GLY A 407 -39.66 -2.82 -24.84
CA GLY A 407 -38.60 -2.98 -25.82
C GLY A 407 -38.06 -4.40 -25.88
N THR A 408 -36.95 -4.56 -26.60
N THR A 408 -36.89 -4.49 -26.51
CA THR A 408 -36.29 -5.85 -26.73
CA THR A 408 -36.22 -5.74 -26.86
C THR A 408 -34.84 -5.68 -26.28
C THR A 408 -34.80 -5.66 -26.31
N LEU A 409 -34.22 -6.82 -25.95
CA LEU A 409 -32.94 -6.82 -25.26
C LEU A 409 -31.80 -6.84 -26.28
N VAL A 410 -30.73 -6.12 -25.92
CA VAL A 410 -29.48 -6.13 -26.66
C VAL A 410 -28.37 -6.43 -25.66
N ILE A 411 -27.38 -7.23 -26.08
CA ILE A 411 -26.33 -7.66 -25.17
C ILE A 411 -25.02 -7.03 -25.60
N LYS A 412 -24.35 -6.39 -24.65
CA LYS A 412 -23.07 -5.73 -24.88
C LYS A 412 -22.02 -6.34 -23.97
N ARG A 413 -20.77 -5.96 -24.22
CA ARG A 413 -19.64 -6.43 -23.45
C ARG A 413 -19.15 -5.30 -22.54
N GLY A 414 -18.87 -5.66 -21.28
CA GLY A 414 -18.45 -4.70 -20.28
C GLY A 414 -17.29 -5.21 -19.41
N ILE A 415 -16.45 -4.25 -19.01
CA ILE A 415 -15.38 -4.47 -18.06
C ILE A 415 -15.88 -3.97 -16.70
N GLU A 416 -16.04 -4.89 -15.74
CA GLU A 416 -16.50 -4.51 -14.41
C GLU A 416 -15.42 -3.68 -13.71
N VAL A 417 -15.78 -2.46 -13.29
CA VAL A 417 -14.87 -1.57 -12.59
C VAL A 417 -15.41 -1.22 -11.20
N GLY A 418 -16.69 -1.50 -10.92
CA GLY A 418 -17.25 -1.27 -9.60
C GLY A 418 -18.41 -2.21 -9.29
N HIS A 419 -18.64 -2.47 -8.00
CA HIS A 419 -19.72 -3.35 -7.59
C HIS A 419 -20.13 -2.92 -6.19
N ILE A 420 -21.42 -2.63 -6.00
CA ILE A 420 -21.94 -2.19 -4.72
C ILE A 420 -22.94 -3.23 -4.23
N PHE A 421 -22.99 -3.45 -2.92
CA PHE A 421 -23.77 -4.54 -2.36
C PHE A 421 -24.52 -4.09 -1.12
N GLN A 422 -25.69 -4.70 -0.91
CA GLN A 422 -26.40 -4.65 0.35
C GLN A 422 -26.18 -5.98 1.05
N LEU A 423 -25.63 -5.94 2.28
CA LEU A 423 -25.14 -7.12 2.97
C LEU A 423 -26.08 -7.57 4.09
N GLY A 424 -27.02 -6.73 4.51
CA GLY A 424 -27.87 -7.08 5.63
C GLY A 424 -27.04 -7.25 6.90
N THR A 425 -27.39 -8.25 7.72
CA THR A 425 -26.72 -8.47 9.00
C THR A 425 -25.76 -9.67 8.92
N LYS A 426 -25.36 -10.05 7.70
CA LYS A 426 -24.49 -11.19 7.45
C LYS A 426 -23.28 -11.16 8.38
N TYR A 427 -22.52 -10.06 8.35
CA TYR A 427 -21.32 -9.90 9.17
C TYR A 427 -21.68 -9.51 10.60
N SER A 428 -22.70 -8.65 10.76
CA SER A 428 -22.99 -8.08 12.07
C SER A 428 -23.51 -9.15 13.02
N GLU A 429 -24.24 -10.12 12.47
CA GLU A 429 -24.76 -11.27 13.21
C GLU A 429 -23.62 -12.24 13.55
N ALA A 430 -22.81 -12.59 12.55
CA ALA A 430 -21.70 -13.50 12.72
C ALA A 430 -20.66 -12.97 13.71
N MET A 431 -20.47 -11.64 13.76
CA MET A 431 -19.37 -11.07 14.52
C MET A 431 -19.87 -10.22 15.69
N LYS A 432 -21.17 -10.28 15.98
CA LYS A 432 -21.77 -9.66 17.16
C LYS A 432 -21.49 -8.16 17.18
N LEU A 433 -21.97 -7.47 16.13
CA LEU A 433 -21.91 -6.02 16.02
C LEU A 433 -23.31 -5.45 16.22
N SER A 434 -23.54 -4.84 17.38
N SER A 434 -23.52 -4.82 17.38
CA SER A 434 -24.86 -4.35 17.77
CA SER A 434 -24.83 -4.36 17.82
C SER A 434 -24.75 -2.98 18.42
C SER A 434 -24.71 -2.95 18.39
N VAL A 435 -25.77 -2.16 18.19
CA VAL A 435 -25.90 -0.84 18.81
C VAL A 435 -27.34 -0.70 19.28
N LEU A 436 -27.55 -0.07 20.44
CA LEU A 436 -28.90 0.17 20.93
C LEU A 436 -29.54 1.30 20.13
N SER A 437 -30.82 1.13 19.80
CA SER A 437 -31.60 2.14 19.10
C SER A 437 -31.85 3.33 20.02
N GLU A 438 -32.46 4.38 19.46
CA GLU A 438 -32.93 5.52 20.24
C GLU A 438 -33.84 5.03 21.37
N GLN A 439 -34.57 3.91 21.16
CA GLN A 439 -35.55 3.42 22.11
C GLN A 439 -34.99 2.37 23.07
N GLY A 440 -33.76 1.89 22.84
CA GLY A 440 -33.10 0.98 23.77
C GLY A 440 -33.08 -0.48 23.32
N LYS A 441 -33.54 -0.76 22.09
CA LYS A 441 -33.51 -2.11 21.55
C LYS A 441 -32.16 -2.37 20.88
N PRO A 442 -31.52 -3.55 21.10
CA PRO A 442 -30.33 -3.93 20.32
C PRO A 442 -30.64 -4.16 18.85
N VAL A 443 -29.79 -3.62 17.98
CA VAL A 443 -29.93 -3.74 16.53
C VAL A 443 -28.60 -4.19 15.95
N ASN A 444 -28.56 -5.43 15.45
CA ASN A 444 -27.46 -5.86 14.60
C ASN A 444 -27.35 -4.93 13.41
N LEU A 445 -26.18 -4.33 13.21
CA LEU A 445 -26.06 -3.24 12.26
C LEU A 445 -26.20 -3.79 10.84
N ILE A 446 -27.03 -3.09 10.05
CA ILE A 446 -27.26 -3.43 8.65
C ILE A 446 -26.17 -2.76 7.82
N MET A 447 -25.60 -3.49 6.86
CA MET A 447 -24.38 -3.04 6.23
C MET A 447 -24.48 -3.06 4.71
N GLY A 448 -23.73 -2.14 4.10
CA GLY A 448 -23.45 -2.14 2.67
C GLY A 448 -21.94 -2.12 2.43
N CYS A 449 -21.51 -2.52 1.23
CA CYS A 449 -20.12 -2.38 0.84
C CYS A 449 -20.04 -2.08 -0.65
N TYR A 450 -18.96 -1.38 -1.01
CA TYR A 450 -18.84 -0.65 -2.26
C TYR A 450 -17.38 -0.75 -2.72
N GLY A 451 -17.16 -1.38 -3.88
CA GLY A 451 -15.81 -1.60 -4.37
C GLY A 451 -15.61 -1.02 -5.76
N ILE A 452 -14.49 -0.30 -5.94
CA ILE A 452 -13.96 0.09 -7.24
C ILE A 452 -12.57 -0.53 -7.44
N GLY A 453 -12.36 -1.14 -8.61
CA GLY A 453 -11.06 -1.63 -9.02
C GLY A 453 -10.24 -0.50 -9.66
N VAL A 454 -9.42 0.15 -8.83
CA VAL A 454 -8.70 1.36 -9.22
C VAL A 454 -7.68 1.02 -10.32
N SER A 455 -6.92 -0.07 -10.15
CA SER A 455 -5.98 -0.53 -11.17
C SER A 455 -6.71 -0.86 -12.47
N ARG A 456 -7.84 -1.56 -12.30
CA ARG A 456 -8.65 -1.99 -13.43
C ARG A 456 -9.09 -0.80 -14.26
N VAL A 457 -9.54 0.26 -13.59
CA VAL A 457 -10.00 1.46 -14.29
C VAL A 457 -8.94 1.93 -15.28
N VAL A 458 -7.67 1.93 -14.86
CA VAL A 458 -6.61 2.43 -15.72
C VAL A 458 -6.59 1.62 -17.02
N ALA A 459 -6.59 0.29 -16.90
CA ALA A 459 -6.55 -0.59 -18.05
C ALA A 459 -7.83 -0.46 -18.86
N ALA A 460 -8.97 -0.37 -18.17
CA ALA A 460 -10.28 -0.28 -18.80
C ALA A 460 -10.35 0.94 -19.70
N ALA A 461 -9.80 2.07 -19.24
CA ALA A 461 -9.78 3.28 -20.04
C ALA A 461 -9.12 3.03 -21.40
N ILE A 462 -8.03 2.25 -21.41
CA ILE A 462 -7.30 1.99 -22.65
C ILE A 462 -8.08 1.01 -23.53
N GLU A 463 -8.69 -0.01 -22.90
CA GLU A 463 -9.50 -0.99 -23.63
C GLU A 463 -10.55 -0.25 -24.44
N GLN A 464 -11.16 0.77 -23.83
CA GLN A 464 -12.18 1.57 -24.46
C GLN A 464 -11.58 2.58 -25.44
N ASN A 465 -10.39 3.12 -25.13
CA ASN A 465 -9.88 4.29 -25.84
C ASN A 465 -8.46 4.06 -26.34
N HIS A 466 -8.34 3.69 -27.61
CA HIS A 466 -7.06 3.50 -28.26
C HIS A 466 -7.23 3.67 -29.77
N ASP A 467 -6.11 3.82 -30.47
CA ASP A 467 -6.09 3.88 -31.93
C ASP A 467 -4.77 3.29 -32.41
N GLU A 468 -4.51 3.38 -33.72
CA GLU A 468 -3.36 2.72 -34.33
C GLU A 468 -2.04 3.32 -33.80
N ARG A 469 -2.07 4.59 -33.36
CA ARG A 469 -0.87 5.26 -32.90
C ARG A 469 -0.69 5.11 -31.38
N GLY A 470 -1.65 4.48 -30.68
CA GLY A 470 -1.46 4.12 -29.28
C GLY A 470 -2.64 4.53 -28.39
N ILE A 471 -2.32 5.01 -27.18
CA ILE A 471 -3.32 5.25 -26.15
C ILE A 471 -4.02 6.58 -26.40
N LEU A 472 -5.32 6.59 -26.10
CA LEU A 472 -6.15 7.79 -26.09
C LEU A 472 -6.70 8.00 -24.70
N TRP A 473 -6.04 8.82 -23.87
CA TRP A 473 -6.48 9.02 -22.51
C TRP A 473 -7.68 9.96 -22.46
N PRO A 474 -8.65 9.73 -21.55
CA PRO A 474 -9.54 10.79 -21.09
C PRO A 474 -8.71 11.95 -20.54
N SER A 475 -9.29 13.15 -20.55
CA SER A 475 -8.56 14.35 -20.20
C SER A 475 -8.03 14.25 -18.77
N ALA A 476 -8.85 13.67 -17.89
CA ALA A 476 -8.53 13.58 -16.48
C ALA A 476 -7.41 12.56 -16.24
N LEU A 477 -7.05 11.76 -17.26
CA LEU A 477 -6.16 10.64 -17.05
C LEU A 477 -4.78 10.83 -17.68
N ALA A 478 -4.64 11.76 -18.65
CA ALA A 478 -3.40 11.85 -19.38
C ALA A 478 -2.26 12.12 -18.40
N PRO A 479 -1.14 11.37 -18.47
CA PRO A 479 -0.04 11.52 -17.51
C PRO A 479 0.64 12.88 -17.54
N PHE A 480 0.70 13.46 -18.76
CA PHE A 480 1.06 14.85 -18.95
C PHE A 480 0.08 15.46 -19.95
N GLN A 481 -0.07 16.80 -19.89
CA GLN A 481 -0.93 17.50 -20.83
C GLN A 481 -0.16 17.91 -22.08
N ILE A 482 1.13 18.28 -21.94
CA ILE A 482 1.87 18.83 -23.07
C ILE A 482 3.25 18.18 -23.16
N ALA A 483 3.65 17.80 -24.37
CA ALA A 483 5.00 17.37 -24.62
C ALA A 483 5.75 18.43 -25.43
N LEU A 484 6.91 18.85 -24.91
CA LEU A 484 7.79 19.77 -25.61
C LEU A 484 8.86 18.95 -26.34
N VAL A 485 8.90 19.11 -27.66
CA VAL A 485 9.86 18.41 -28.50
C VAL A 485 10.78 19.43 -29.16
N PRO A 486 11.86 19.87 -28.49
CA PRO A 486 12.85 20.75 -29.12
C PRO A 486 13.67 20.01 -30.17
N LEU A 487 13.93 20.71 -31.28
CA LEU A 487 14.80 20.21 -32.32
C LEU A 487 16.16 20.89 -32.18
N LYS A 488 17.18 20.08 -31.88
CA LYS A 488 18.50 20.55 -31.49
C LYS A 488 18.40 21.32 -30.17
N TYR A 489 17.93 20.62 -29.12
CA TYR A 489 17.89 21.15 -27.75
C TYR A 489 19.30 21.56 -27.28
N GLU A 490 20.34 20.99 -27.90
CA GLU A 490 21.72 21.30 -27.54
C GLU A 490 22.10 22.74 -27.92
N THR A 491 21.36 23.37 -28.84
CA THR A 491 21.68 24.72 -29.26
C THR A 491 21.09 25.70 -28.25
N GLU A 492 21.84 26.77 -27.94
CA GLU A 492 21.49 27.66 -26.84
C GLU A 492 20.14 28.34 -27.08
N SER A 493 19.86 28.72 -28.33
CA SER A 493 18.66 29.46 -28.67
C SER A 493 17.42 28.58 -28.51
N VAL A 494 17.51 27.32 -28.94
CA VAL A 494 16.39 26.40 -28.76
C VAL A 494 16.27 26.04 -27.28
N LYS A 495 17.39 25.76 -26.61
CA LYS A 495 17.37 25.39 -25.21
C LYS A 495 16.66 26.47 -24.41
N GLN A 496 17.10 27.72 -24.62
CA GLN A 496 16.63 28.86 -23.88
C GLN A 496 15.12 29.01 -24.02
N ALA A 497 14.60 28.95 -25.26
CA ALA A 497 13.18 29.13 -25.50
C ALA A 497 12.38 27.97 -24.90
N THR A 498 12.91 26.76 -25.03
CA THR A 498 12.25 25.55 -24.58
C THR A 498 12.09 25.57 -23.05
N ASP A 499 13.15 25.96 -22.34
CA ASP A 499 13.15 26.00 -20.89
C ASP A 499 12.22 27.12 -20.41
N LYS A 500 12.17 28.22 -21.17
CA LYS A 500 11.29 29.34 -20.85
C LYS A 500 9.84 28.88 -20.99
N LEU A 501 9.57 28.12 -22.06
CA LEU A 501 8.24 27.62 -22.35
C LEU A 501 7.81 26.63 -21.26
N TYR A 502 8.74 25.76 -20.86
CA TYR A 502 8.49 24.78 -19.82
C TYR A 502 8.07 25.46 -18.52
N ALA A 503 8.80 26.50 -18.10
CA ALA A 503 8.53 27.16 -16.83
C ALA A 503 7.21 27.93 -16.88
N GLU A 504 6.92 28.59 -18.01
CA GLU A 504 5.70 29.39 -18.12
C GLU A 504 4.47 28.48 -18.10
N LEU A 505 4.54 27.32 -18.77
CA LEU A 505 3.41 26.42 -18.82
C LEU A 505 3.19 25.76 -17.47
N THR A 506 4.30 25.35 -16.83
CA THR A 506 4.26 24.73 -15.51
C THR A 506 3.68 25.71 -14.49
N ALA A 507 4.08 26.99 -14.58
CA ALA A 507 3.59 28.00 -13.65
C ALA A 507 2.08 28.20 -13.80
N ALA A 508 1.54 28.03 -15.01
CA ALA A 508 0.10 28.14 -15.24
C ALA A 508 -0.63 26.91 -14.70
N GLY A 509 0.12 25.84 -14.39
CA GLY A 509 -0.47 24.67 -13.76
C GLY A 509 -0.52 23.44 -14.68
N PHE A 510 0.05 23.57 -15.89
CA PHE A 510 0.04 22.46 -16.85
C PHE A 510 1.16 21.48 -16.53
N GLU A 511 0.92 20.21 -16.86
CA GLU A 511 1.88 19.15 -16.65
C GLU A 511 2.60 18.91 -17.96
N VAL A 512 3.92 19.14 -17.95
CA VAL A 512 4.69 19.22 -19.18
C VAL A 512 5.79 18.16 -19.15
N LEU A 513 5.95 17.45 -20.27
CA LEU A 513 7.09 16.56 -20.45
C LEU A 513 8.00 17.14 -21.52
N LEU A 514 9.29 17.25 -21.16
CA LEU A 514 10.30 17.80 -22.04
C LEU A 514 11.08 16.66 -22.67
N ASP A 515 11.14 16.62 -24.00
CA ASP A 515 11.90 15.59 -24.68
C ASP A 515 13.32 16.09 -24.90
N ASP A 516 14.22 15.66 -24.02
CA ASP A 516 15.60 16.12 -23.97
C ASP A 516 16.53 15.13 -24.67
N ARG A 517 15.99 14.14 -25.36
CA ARG A 517 16.84 13.10 -25.93
C ARG A 517 17.60 13.64 -27.14
N ASP A 518 18.79 13.09 -27.36
CA ASP A 518 19.70 13.59 -28.39
C ASP A 518 19.29 13.04 -29.76
N LYS A 519 20.15 13.26 -30.76
CA LYS A 519 19.80 13.05 -32.17
C LYS A 519 19.74 11.58 -32.54
N LYS A 520 20.15 10.66 -31.65
CA LYS A 520 20.00 9.24 -31.91
C LYS A 520 18.54 8.82 -31.79
N THR A 521 17.72 9.67 -31.17
CA THR A 521 16.27 9.50 -31.21
C THR A 521 15.70 10.55 -32.15
N SER A 522 15.30 10.10 -33.35
CA SER A 522 14.88 10.99 -34.43
C SER A 522 13.57 11.68 -34.07
N PRO A 523 13.23 12.83 -34.69
CA PRO A 523 11.97 13.51 -34.38
C PRO A 523 10.77 12.59 -34.59
N GLY A 524 10.80 11.82 -35.70
CA GLY A 524 9.74 10.88 -36.03
C GLY A 524 9.45 9.89 -34.90
N VAL A 525 10.50 9.37 -34.28
CA VAL A 525 10.39 8.46 -33.15
C VAL A 525 9.84 9.22 -31.94
N LYS A 526 10.37 10.42 -31.69
CA LYS A 526 9.90 11.24 -30.59
C LYS A 526 8.39 11.47 -30.71
N PHE A 527 7.93 11.80 -31.93
CA PHE A 527 6.53 12.10 -32.19
C PHE A 527 5.67 10.86 -31.98
N ALA A 528 6.18 9.69 -32.40
CA ALA A 528 5.46 8.44 -32.22
C ALA A 528 5.38 8.08 -30.73
N ASP A 529 6.46 8.35 -30.00
CA ASP A 529 6.53 8.03 -28.58
C ASP A 529 5.48 8.82 -27.78
N MET A 530 5.38 10.13 -28.05
CA MET A 530 4.46 10.95 -27.29
C MET A 530 3.03 10.51 -27.59
N GLU A 531 2.74 10.15 -28.85
CA GLU A 531 1.40 9.72 -29.23
C GLU A 531 1.07 8.36 -28.58
N LEU A 532 2.04 7.43 -28.53
CA LEU A 532 1.86 6.13 -27.90
C LEU A 532 1.45 6.27 -26.43
N ILE A 533 2.16 7.15 -25.73
CA ILE A 533 1.96 7.40 -24.31
C ILE A 533 0.63 8.11 -24.07
N GLY A 534 0.08 8.74 -25.11
CA GLY A 534 -1.24 9.34 -25.02
C GLY A 534 -1.23 10.79 -24.54
N ILE A 535 -0.11 11.50 -24.71
CA ILE A 535 -0.08 12.92 -24.37
C ILE A 535 -0.89 13.69 -25.42
N PRO A 536 -1.91 14.47 -24.99
CA PRO A 536 -2.87 15.08 -25.91
C PRO A 536 -2.38 16.24 -26.78
N HIS A 537 -1.29 16.89 -26.38
CA HIS A 537 -0.80 18.07 -27.09
C HIS A 537 0.72 18.05 -27.11
N ARG A 538 1.31 18.49 -28.22
CA ARG A 538 2.74 18.71 -28.22
C ARG A 538 3.05 20.07 -28.84
N ILE A 539 4.22 20.58 -28.48
CA ILE A 539 4.78 21.78 -29.07
C ILE A 539 6.20 21.47 -29.52
N VAL A 540 6.49 21.76 -30.79
CA VAL A 540 7.84 21.61 -31.33
C VAL A 540 8.52 22.98 -31.34
N ILE A 541 9.75 23.05 -30.81
CA ILE A 541 10.56 24.26 -30.86
C ILE A 541 11.71 24.03 -31.86
N SER A 542 11.88 24.98 -32.80
CA SER A 542 12.96 24.91 -33.77
C SER A 542 13.50 26.30 -34.11
N ASP A 543 14.70 26.36 -34.68
CA ASP A 543 15.34 27.61 -35.04
C ASP A 543 14.57 28.28 -36.17
N ARG A 544 14.19 27.52 -37.20
CA ARG A 544 13.38 28.04 -38.29
C ARG A 544 12.08 28.61 -37.73
N GLY A 545 11.52 27.95 -36.71
CA GLY A 545 10.31 28.42 -36.05
C GLY A 545 10.53 29.70 -35.27
N LEU A 546 11.57 29.71 -34.42
CA LEU A 546 11.85 30.85 -33.56
C LEU A 546 12.17 32.09 -34.40
N SER A 547 12.84 31.90 -35.54
CA SER A 547 13.22 33.01 -36.41
C SER A 547 11.97 33.74 -36.91
N GLU A 548 10.87 33.01 -37.07
CA GLU A 548 9.61 33.56 -37.57
C GLU A 548 8.70 33.97 -36.42
N GLY A 549 9.14 33.72 -35.17
CA GLY A 549 8.35 34.03 -33.99
C GLY A 549 7.20 33.04 -33.77
N VAL A 550 7.40 31.77 -34.17
CA VAL A 550 6.33 30.80 -34.05
C VAL A 550 6.86 29.48 -33.44
N LEU A 551 5.92 28.77 -32.80
CA LEU A 551 6.10 27.40 -32.38
C LEU A 551 5.16 26.54 -33.24
N GLU A 552 5.43 25.23 -33.27
CA GLU A 552 4.63 24.28 -34.02
C GLU A 552 3.83 23.42 -33.04
N TYR A 553 2.50 23.54 -33.11
CA TYR A 553 1.60 22.85 -32.20
C TYR A 553 0.98 21.67 -32.93
N LYS A 554 0.73 20.56 -32.22
CA LYS A 554 -0.12 19.52 -32.77
C LYS A 554 -0.86 18.78 -31.67
N GLY A 555 -2.18 18.62 -31.89
CA GLY A 555 -3.02 17.83 -31.02
C GLY A 555 -2.94 16.34 -31.37
N ARG A 556 -3.11 15.49 -30.35
CA ARG A 556 -3.06 14.04 -30.47
C ARG A 556 -4.11 13.56 -31.48
N ARG A 557 -5.22 14.30 -31.60
CA ARG A 557 -6.35 13.87 -32.41
C ARG A 557 -6.38 14.61 -33.75
N ASP A 558 -5.40 15.48 -34.02
CA ASP A 558 -5.32 16.21 -35.28
C ASP A 558 -4.48 15.44 -36.28
N SER A 559 -4.64 15.77 -37.57
CA SER A 559 -3.85 15.17 -38.64
C SER A 559 -2.68 16.07 -39.03
N GLU A 560 -2.80 17.38 -38.76
CA GLU A 560 -1.80 18.36 -39.19
C GLU A 560 -1.36 19.22 -38.00
N SER A 561 -0.08 19.62 -38.01
CA SER A 561 0.41 20.61 -37.08
C SER A 561 -0.03 21.99 -37.56
N GLN A 562 0.07 22.98 -36.69
CA GLN A 562 -0.23 24.35 -37.07
C GLN A 562 0.74 25.28 -36.34
N ASN A 563 1.01 26.43 -36.95
CA ASN A 563 1.91 27.39 -36.35
C ASN A 563 1.16 28.18 -35.29
N LEU A 564 1.93 28.58 -34.28
CA LEU A 564 1.43 29.24 -33.10
C LEU A 564 2.33 30.45 -32.86
N PRO A 565 1.85 31.71 -32.99
CA PRO A 565 2.67 32.86 -32.65
C PRO A 565 3.01 32.78 -31.17
N ILE A 566 4.28 33.00 -30.85
CA ILE A 566 4.78 32.85 -29.50
C ILE A 566 3.97 33.70 -28.53
N GLY A 567 3.69 34.95 -28.92
CA GLY A 567 3.00 35.90 -28.07
C GLY A 567 1.57 35.50 -27.70
N GLU A 568 1.07 34.40 -28.27
CA GLU A 568 -0.29 33.94 -28.04
C GLU A 568 -0.28 32.52 -27.46
N LEU A 569 0.90 32.11 -26.97
CA LEU A 569 1.10 30.78 -26.41
C LEU A 569 -0.01 30.43 -25.43
N MET A 570 -0.12 31.22 -24.35
CA MET A 570 -0.93 30.86 -23.19
C MET A 570 -2.40 30.80 -23.60
N SER A 571 -2.89 31.88 -24.24
CA SER A 571 -4.29 31.93 -24.65
C SER A 571 -4.62 30.70 -25.50
N PHE A 572 -3.74 30.39 -26.46
CA PHE A 572 -3.98 29.31 -27.40
C PHE A 572 -4.03 27.95 -26.69
N ILE A 573 -2.98 27.65 -25.91
CA ILE A 573 -2.87 26.38 -25.20
C ILE A 573 -3.96 26.27 -24.15
N THR A 574 -4.22 27.38 -23.46
CA THR A 574 -5.27 27.40 -22.45
C THR A 574 -6.59 26.98 -23.10
N GLU A 575 -6.83 27.51 -24.30
CA GLU A 575 -8.06 27.19 -25.03
C GLU A 575 -8.12 25.70 -25.31
N LYS A 576 -6.98 25.11 -25.71
CA LYS A 576 -6.92 23.71 -26.14
C LYS A 576 -7.24 22.76 -24.97
N LEU A 577 -6.85 23.16 -23.76
CA LEU A 577 -7.02 22.34 -22.57
C LEU A 577 -8.30 22.74 -21.82
N SER A 578 -9.40 22.95 -22.55
CA SER A 578 -10.68 23.24 -21.92
C SER A 578 -11.83 22.90 -22.88
N HIS B 8 -20.09 19.14 5.86
CA HIS B 8 -19.35 19.46 7.11
C HIS B 8 -18.54 18.25 7.58
N MET B 9 -17.37 18.52 8.16
CA MET B 9 -16.61 17.52 8.90
C MET B 9 -16.92 17.70 10.38
N ARG B 10 -17.51 16.66 10.97
CA ARG B 10 -18.21 16.77 12.25
C ARG B 10 -17.64 15.75 13.24
N THR B 11 -17.71 16.10 14.53
CA THR B 11 -17.14 15.28 15.59
C THR B 11 -17.90 13.97 15.78
N SER B 12 -19.21 13.96 15.48
CA SER B 12 -20.02 12.77 15.65
C SER B 12 -19.53 11.62 14.76
N GLN B 13 -18.84 11.99 13.68
CA GLN B 13 -18.31 11.04 12.70
C GLN B 13 -16.85 10.73 13.00
N TYR B 14 -16.06 11.78 13.23
CA TYR B 14 -14.60 11.64 13.29
C TYR B 14 -14.13 11.09 14.62
N LEU B 15 -14.69 11.58 15.74
CA LEU B 15 -14.11 11.32 17.05
C LEU B 15 -14.64 10.00 17.60
N PRO B 23 -5.13 1.30 26.75
CA PRO B 23 -4.08 1.07 27.76
C PRO B 23 -3.59 -0.38 27.87
N ALA B 24 -2.54 -0.55 28.70
CA ALA B 24 -1.90 -1.82 29.03
C ALA B 24 -0.75 -2.13 28.07
N ASP B 25 -1.06 -2.30 26.78
CA ASP B 25 -0.05 -2.54 25.76
C ASP B 25 0.57 -1.20 25.33
N ALA B 26 -0.05 -0.09 25.75
CA ALA B 26 0.37 1.25 25.38
C ALA B 26 1.23 1.87 26.48
N VAL B 27 2.55 1.98 26.23
CA VAL B 27 3.49 2.38 27.27
C VAL B 27 4.16 3.71 26.93
N VAL B 28 4.54 3.95 25.68
CA VAL B 28 5.13 5.23 25.31
C VAL B 28 4.01 6.23 25.08
N ILE B 29 4.35 7.53 25.14
CA ILE B 29 3.32 8.56 25.14
C ILE B 29 2.63 8.65 23.78
N SER B 30 3.38 8.50 22.69
CA SER B 30 2.81 8.62 21.36
C SER B 30 1.75 7.54 21.13
N HIS B 31 2.04 6.31 21.56
CA HIS B 31 1.12 5.20 21.45
C HIS B 31 -0.14 5.47 22.28
N GLN B 32 0.06 5.97 23.51
CA GLN B 32 -1.04 6.27 24.41
C GLN B 32 -1.95 7.33 23.79
N LEU B 33 -1.35 8.38 23.20
CA LEU B 33 -2.14 9.51 22.71
C LEU B 33 -2.76 9.20 21.35
N LEU B 34 -2.08 8.41 20.52
CA LEU B 34 -2.65 8.04 19.24
C LEU B 34 -3.89 7.19 19.45
N LEU B 35 -3.93 6.38 20.52
CA LEU B 35 -5.11 5.61 20.85
C LEU B 35 -6.20 6.52 21.39
N ARG B 36 -5.82 7.42 22.31
CA ARG B 36 -6.78 8.24 23.03
C ARG B 36 -7.38 9.30 22.13
N ALA B 37 -6.60 9.80 21.16
CA ALA B 37 -7.04 10.86 20.28
C ALA B 37 -7.82 10.29 19.09
N GLY B 38 -8.00 8.97 19.05
CA GLY B 38 -8.77 8.32 18.00
C GLY B 38 -8.08 8.39 16.64
N MET B 39 -6.76 8.17 16.63
CA MET B 39 -5.99 8.29 15.39
C MET B 39 -5.68 6.91 14.82
N ILE B 40 -5.48 5.92 15.71
CA ILE B 40 -5.18 4.55 15.30
C ILE B 40 -5.95 3.56 16.16
N ARG B 41 -6.09 2.33 15.66
N ARG B 41 -5.92 2.30 15.72
CA ARG B 41 -6.54 1.21 16.48
CA ARG B 41 -6.60 1.21 16.39
C ARG B 41 -5.73 -0.03 16.15
C ARG B 41 -5.85 -0.09 16.11
N ARG B 42 -5.50 -0.86 17.17
CA ARG B 42 -4.80 -2.12 17.01
C ARG B 42 -5.71 -3.17 16.38
N LEU B 43 -5.19 -3.85 15.34
CA LEU B 43 -5.83 -5.02 14.77
C LEU B 43 -5.23 -6.28 15.36
N ALA B 44 -3.89 -6.31 15.38
CA ALA B 44 -3.12 -7.39 15.98
C ALA B 44 -1.72 -6.87 16.26
N SER B 45 -0.84 -7.73 16.77
CA SER B 45 0.51 -7.35 17.16
C SER B 45 1.20 -6.65 15.99
N GLY B 46 1.48 -5.35 16.16
CA GLY B 46 2.21 -4.59 15.16
C GLY B 46 1.38 -4.21 13.93
N LEU B 47 0.05 -4.38 14.00
CA LEU B 47 -0.82 -4.05 12.88
C LEU B 47 -1.89 -3.07 13.37
N TYR B 48 -1.82 -1.85 12.83
CA TYR B 48 -2.70 -0.76 13.21
C TYR B 48 -3.45 -0.20 11.99
N THR B 49 -4.74 0.07 12.21
CA THR B 49 -5.57 0.82 11.30
C THR B 49 -5.43 2.31 11.60
N TRP B 50 -5.30 3.11 10.54
CA TRP B 50 -5.44 4.55 10.63
C TRP B 50 -6.92 4.91 10.61
N LEU B 51 -7.40 5.45 11.75
CA LEU B 51 -8.74 5.97 11.83
C LEU B 51 -8.77 7.32 11.11
N PRO B 52 -9.96 7.88 10.82
CA PRO B 52 -10.04 9.04 9.92
C PRO B 52 -9.18 10.23 10.34
N MET B 53 -9.07 10.48 11.64
CA MET B 53 -8.32 11.62 12.16
C MET B 53 -6.82 11.40 11.98
N GLY B 54 -6.37 10.16 12.20
CA GLY B 54 -4.95 9.83 12.08
C GLY B 54 -4.51 9.86 10.61
N LEU B 55 -5.36 9.33 9.73
CA LEU B 55 -5.01 9.28 8.32
C LEU B 55 -4.73 10.68 7.79
N ARG B 56 -5.53 11.68 8.23
CA ARG B 56 -5.30 13.06 7.84
C ARG B 56 -3.86 13.49 8.13
N VAL B 57 -3.34 13.12 9.31
CA VAL B 57 -1.97 13.46 9.68
C VAL B 57 -0.99 12.71 8.77
N LEU B 58 -1.20 11.40 8.60
CA LEU B 58 -0.31 10.58 7.81
C LEU B 58 -0.17 11.17 6.41
N ARG B 59 -1.29 11.59 5.82
CA ARG B 59 -1.28 12.12 4.46
C ARG B 59 -0.49 13.43 4.39
N LYS B 60 -0.47 14.22 5.46
CA LYS B 60 0.26 15.48 5.43
C LYS B 60 1.75 15.20 5.45
N VAL B 61 2.16 14.15 6.18
CA VAL B 61 3.56 13.74 6.16
C VAL B 61 3.93 13.32 4.74
N GLU B 62 3.10 12.43 4.16
CA GLU B 62 3.34 11.88 2.84
C GLU B 62 3.46 12.98 1.78
N THR B 63 2.65 14.03 1.90
CA THR B 63 2.63 15.09 0.89
C THR B 63 3.97 15.82 0.87
N ILE B 64 4.51 16.12 2.06
CA ILE B 64 5.74 16.88 2.19
C ILE B 64 6.92 16.03 1.71
N VAL B 65 6.91 14.74 2.00
CA VAL B 65 7.96 13.83 1.57
C VAL B 65 7.99 13.79 0.03
N ARG B 66 6.83 13.57 -0.57
CA ARG B 66 6.70 13.49 -2.02
C ARG B 66 7.20 14.76 -2.68
N GLU B 67 6.76 15.91 -2.17
CA GLU B 67 7.16 17.20 -2.72
C GLU B 67 8.69 17.32 -2.77
N GLU B 68 9.36 17.00 -1.66
CA GLU B 68 10.79 17.19 -1.55
C GLU B 68 11.54 16.12 -2.34
N MET B 69 11.00 14.90 -2.45
CA MET B 69 11.65 13.87 -3.25
C MET B 69 11.57 14.28 -4.71
N ASN B 70 10.40 14.80 -5.11
CA ASN B 70 10.17 15.28 -6.46
C ASN B 70 11.10 16.44 -6.78
N ALA B 71 11.28 17.35 -5.82
CA ALA B 71 12.10 18.53 -6.04
C ALA B 71 13.58 18.15 -6.19
N ALA B 72 13.97 16.96 -5.72
CA ALA B 72 15.35 16.51 -5.79
C ALA B 72 15.57 15.65 -7.04
N GLY B 73 14.54 15.54 -7.88
CA GLY B 73 14.64 14.91 -9.18
C GLY B 73 14.35 13.41 -9.14
N ALA B 74 13.92 12.89 -7.99
CA ALA B 74 13.59 11.47 -7.87
C ALA B 74 12.26 11.18 -8.58
N LEU B 75 12.13 9.96 -9.11
CA LEU B 75 10.96 9.57 -9.89
C LEU B 75 10.13 8.57 -9.09
N GLU B 76 8.85 8.91 -8.85
CA GLU B 76 8.01 8.07 -8.03
C GLU B 76 7.50 6.87 -8.83
N VAL B 77 7.65 5.69 -8.22
CA VAL B 77 7.13 4.43 -8.74
C VAL B 77 6.27 3.82 -7.63
N LEU B 78 5.67 2.65 -7.90
CA LEU B 78 4.99 1.89 -6.85
C LEU B 78 5.17 0.41 -7.14
N MET B 79 5.96 -0.24 -6.29
CA MET B 79 6.36 -1.63 -6.52
C MET B 79 5.48 -2.55 -5.70
N PRO B 80 5.41 -3.87 -6.01
CA PRO B 80 4.60 -4.79 -5.22
C PRO B 80 5.14 -5.09 -3.82
N ALA B 81 4.22 -5.45 -2.93
CA ALA B 81 4.56 -5.95 -1.61
C ALA B 81 5.01 -7.40 -1.71
N VAL B 82 4.20 -8.24 -2.37
CA VAL B 82 4.56 -9.65 -2.54
C VAL B 82 5.63 -9.78 -3.62
N GLN B 83 6.73 -10.45 -3.26
CA GLN B 83 7.92 -10.48 -4.12
C GLN B 83 8.42 -11.91 -4.26
N PRO B 84 8.83 -12.34 -5.47
CA PRO B 84 9.31 -13.71 -5.69
C PRO B 84 10.62 -14.02 -4.97
N ALA B 85 10.74 -15.27 -4.53
CA ALA B 85 11.86 -15.71 -3.70
C ALA B 85 13.15 -15.66 -4.51
N GLU B 86 13.02 -15.99 -5.80
CA GLU B 86 14.17 -16.11 -6.69
C GLU B 86 15.02 -14.84 -6.66
N LEU B 87 14.41 -13.65 -6.60
CA LEU B 87 15.17 -12.40 -6.55
C LEU B 87 15.94 -12.32 -5.23
N TRP B 88 15.28 -12.71 -4.13
CA TRP B 88 15.91 -12.67 -2.82
C TRP B 88 17.02 -13.70 -2.73
N GLN B 89 16.90 -14.79 -3.49
CA GLN B 89 17.97 -15.79 -3.55
C GLN B 89 19.17 -15.25 -4.33
N GLU B 90 18.94 -14.36 -5.30
CA GLU B 90 20.03 -13.77 -6.07
C GLU B 90 20.96 -12.97 -5.14
N SER B 91 20.36 -12.16 -4.27
CA SER B 91 21.10 -11.29 -3.36
C SER B 91 21.59 -12.05 -2.13
N GLY B 92 21.02 -13.24 -1.86
CA GLY B 92 21.33 -14.02 -0.68
C GLY B 92 20.51 -13.63 0.55
N ARG B 93 19.67 -12.60 0.43
CA ARG B 93 18.93 -12.09 1.57
C ARG B 93 17.73 -12.98 1.91
N TRP B 94 17.31 -13.83 0.96
CA TRP B 94 16.27 -14.81 1.25
C TRP B 94 16.57 -15.52 2.57
N GLU B 95 17.85 -15.88 2.79
CA GLU B 95 18.30 -16.49 4.02
C GLU B 95 18.90 -15.44 4.97
N GLN B 96 19.68 -14.51 4.44
CA GLN B 96 20.52 -13.63 5.26
C GLN B 96 19.69 -12.55 5.95
N TYR B 97 18.51 -12.21 5.40
CA TYR B 97 17.71 -11.13 5.99
C TYR B 97 17.33 -11.52 7.42
N GLY B 98 17.04 -12.81 7.63
CA GLY B 98 16.67 -13.31 8.95
C GLY B 98 15.15 -13.39 9.12
N PRO B 99 14.68 -13.71 10.36
CA PRO B 99 13.27 -13.98 10.61
C PRO B 99 12.31 -12.79 10.60
N GLU B 100 12.82 -11.56 10.48
CA GLU B 100 11.94 -10.44 10.20
C GLU B 100 11.38 -10.54 8.78
N LEU B 101 11.93 -11.41 7.94
CA LEU B 101 11.40 -11.58 6.60
C LEU B 101 10.20 -12.52 6.62
N LEU B 102 9.02 -12.00 6.26
CA LEU B 102 7.79 -12.79 6.22
C LEU B 102 7.75 -13.59 4.92
N ARG B 103 7.88 -14.92 5.04
CA ARG B 103 7.97 -15.82 3.90
C ARG B 103 6.66 -16.59 3.75
N LEU B 104 6.29 -16.90 2.50
CA LEU B 104 5.01 -17.56 2.23
C LEU B 104 5.06 -18.32 0.91
N LYS B 105 3.98 -19.10 0.67
CA LYS B 105 3.77 -19.79 -0.59
C LYS B 105 2.39 -19.47 -1.12
N ASP B 106 2.25 -19.47 -2.45
CA ASP B 106 0.96 -19.24 -3.09
C ASP B 106 0.32 -20.59 -3.41
N ARG B 107 -0.82 -20.56 -4.09
CA ARG B 107 -1.58 -21.76 -4.40
C ARG B 107 -0.83 -22.70 -5.36
N HIS B 108 0.20 -22.20 -6.03
CA HIS B 108 0.98 -23.02 -6.95
C HIS B 108 2.27 -23.50 -6.29
N GLU B 109 2.39 -23.33 -4.97
CA GLU B 109 3.57 -23.71 -4.21
C GLU B 109 4.79 -22.85 -4.56
N ARG B 110 4.59 -21.74 -5.28
CA ARG B 110 5.69 -20.82 -5.55
C ARG B 110 5.95 -20.00 -4.28
N GLU B 111 7.22 -19.60 -4.08
CA GLU B 111 7.66 -18.99 -2.84
C GLU B 111 7.82 -17.48 -3.04
N PHE B 112 7.47 -16.74 -1.97
CA PHE B 112 7.48 -15.29 -1.97
C PHE B 112 7.81 -14.78 -0.58
N CYS B 113 8.11 -13.47 -0.50
CA CYS B 113 8.08 -12.79 0.78
C CYS B 113 7.16 -11.58 0.64
N VAL B 114 6.73 -11.05 1.78
CA VAL B 114 6.15 -9.71 1.81
C VAL B 114 7.31 -8.75 2.07
N GLY B 115 7.43 -7.74 1.19
CA GLY B 115 8.63 -6.92 1.13
C GLY B 115 8.87 -6.09 2.40
N PRO B 116 10.04 -6.29 3.06
CA PRO B 116 10.50 -5.40 4.13
C PRO B 116 11.23 -4.14 3.64
N THR B 117 11.60 -4.18 2.35
CA THR B 117 12.35 -3.18 1.61
C THR B 117 12.45 -3.74 0.19
N HIS B 118 13.00 -2.99 -0.77
CA HIS B 118 12.80 -3.31 -2.18
C HIS B 118 14.08 -3.27 -3.03
N GLU B 119 15.26 -3.46 -2.41
CA GLU B 119 16.51 -3.42 -3.18
C GLU B 119 16.45 -4.37 -4.36
N GLU B 120 16.03 -5.62 -4.10
CA GLU B 120 16.05 -6.65 -5.12
C GLU B 120 15.06 -6.29 -6.23
N VAL B 121 13.85 -5.82 -5.88
CA VAL B 121 12.86 -5.51 -6.90
C VAL B 121 13.34 -4.35 -7.77
N ILE B 122 13.90 -3.30 -7.16
CA ILE B 122 14.31 -2.14 -7.93
C ILE B 122 15.51 -2.49 -8.80
N THR B 123 16.38 -3.40 -8.32
CA THR B 123 17.54 -3.80 -9.09
C THR B 123 17.10 -4.60 -10.32
N ASP B 124 16.10 -5.46 -10.13
CA ASP B 124 15.52 -6.24 -11.21
C ASP B 124 14.92 -5.31 -12.26
N LEU B 125 14.21 -4.29 -11.79
CA LEU B 125 13.66 -3.29 -12.68
C LEU B 125 14.78 -2.62 -13.47
N ALA B 126 15.83 -2.22 -12.72
CA ALA B 126 16.93 -1.45 -13.25
C ALA B 126 17.66 -2.22 -14.36
N ARG B 127 17.85 -3.53 -14.19
CA ARG B 127 18.59 -4.28 -15.20
C ARG B 127 17.76 -4.48 -16.46
N ASN B 128 16.44 -4.28 -16.37
CA ASN B 128 15.60 -4.34 -17.55
C ASN B 128 15.38 -2.96 -18.17
N GLU B 129 15.43 -1.88 -17.36
CA GLU B 129 15.03 -0.57 -17.85
C GLU B 129 16.20 0.38 -18.08
N LEU B 130 17.36 0.15 -17.45
CA LEU B 130 18.52 1.00 -17.68
C LEU B 130 19.49 0.31 -18.63
N ASN B 131 19.61 0.80 -19.88
CA ASN B 131 20.54 0.20 -20.83
C ASN B 131 21.43 1.25 -21.50
N SER B 132 21.36 2.52 -21.07
CA SER B 132 22.22 3.55 -21.61
C SER B 132 22.74 4.46 -20.52
N TYR B 133 24.01 4.85 -20.63
CA TYR B 133 24.62 5.82 -19.73
C TYR B 133 23.86 7.15 -19.77
N LYS B 134 23.09 7.41 -20.84
CA LYS B 134 22.39 8.68 -20.98
C LYS B 134 21.18 8.73 -20.05
N GLN B 135 20.85 7.61 -19.39
CA GLN B 135 19.72 7.55 -18.47
C GLN B 135 20.20 7.86 -17.05
N LEU B 136 21.52 7.91 -16.85
CA LEU B 136 22.08 8.02 -15.51
C LEU B 136 22.64 9.41 -15.26
N PRO B 137 22.63 9.90 -14.01
CA PRO B 137 22.07 9.16 -12.88
C PRO B 137 20.55 9.19 -12.83
N ILE B 138 19.96 8.26 -12.07
CA ILE B 138 18.53 8.19 -11.90
C ILE B 138 18.20 7.71 -10.49
N ASN B 139 17.06 8.16 -9.95
CA ASN B 139 16.69 7.91 -8.57
C ASN B 139 15.18 7.64 -8.50
N PHE B 140 14.80 6.38 -8.25
CA PHE B 140 13.41 5.97 -8.12
C PHE B 140 13.03 5.92 -6.64
N TYR B 141 11.78 6.28 -6.30
CA TYR B 141 11.30 6.16 -4.92
C TYR B 141 9.83 5.75 -4.91
N GLN B 142 9.38 5.27 -3.74
CA GLN B 142 7.99 4.93 -3.55
C GLN B 142 7.63 5.26 -2.10
N ILE B 143 6.33 5.44 -1.86
CA ILE B 143 5.77 5.48 -0.53
C ILE B 143 4.83 4.29 -0.45
N GLN B 144 5.23 3.29 0.33
CA GLN B 144 4.69 1.95 0.14
C GLN B 144 4.78 1.19 1.47
N THR B 145 3.81 0.30 1.70
CA THR B 145 3.67 -0.40 2.96
C THR B 145 4.62 -1.60 2.99
N LYS B 146 5.51 -1.60 3.99
CA LYS B 146 6.44 -2.69 4.24
C LYS B 146 5.89 -3.62 5.31
N PHE B 147 6.44 -4.83 5.35
CA PHE B 147 6.22 -5.75 6.46
C PHE B 147 7.54 -6.24 6.99
N ARG B 148 7.73 -6.12 8.31
CA ARG B 148 8.89 -6.69 8.99
C ARG B 148 8.39 -7.42 10.23
N ASP B 149 8.76 -8.70 10.35
CA ASP B 149 8.27 -9.56 11.42
C ASP B 149 9.12 -9.34 12.66
N GLU B 150 9.03 -8.10 13.17
CA GLU B 150 9.70 -7.66 14.38
C GLU B 150 9.31 -8.63 15.52
N ILE B 151 10.32 -9.15 16.23
CA ILE B 151 10.10 -10.25 17.16
C ILE B 151 9.11 -9.82 18.25
N ARG B 152 9.23 -8.59 18.74
CA ARG B 152 8.35 -8.07 19.79
C ARG B 152 7.84 -6.71 19.37
N PRO B 153 6.80 -6.64 18.51
CA PRO B 153 6.21 -5.38 18.10
C PRO B 153 5.82 -4.59 19.34
N ARG B 154 6.25 -3.33 19.40
CA ARG B 154 5.99 -2.52 20.58
C ARG B 154 6.09 -1.04 20.20
N PHE B 155 5.81 -0.18 21.19
CA PHE B 155 5.94 1.26 21.02
C PHE B 155 4.98 1.76 19.93
N GLY B 156 3.84 1.09 19.78
CA GLY B 156 2.82 1.51 18.83
C GLY B 156 3.35 1.50 17.40
N LEU B 157 3.35 2.67 16.76
CA LEU B 157 3.77 2.79 15.37
C LEU B 157 5.28 2.68 15.22
N MET B 158 6.04 2.75 16.33
CA MET B 158 7.47 2.95 16.18
CA MET B 158 7.48 2.94 16.28
C MET B 158 8.19 1.62 15.95
N ARG B 159 7.68 0.53 16.52
CA ARG B 159 8.16 -0.79 16.16
C ARG B 159 6.97 -1.65 15.78
N GLY B 160 6.35 -1.28 14.65
CA GLY B 160 5.23 -2.04 14.11
C GLY B 160 5.72 -3.21 13.28
N ARG B 161 4.77 -3.97 12.73
CA ARG B 161 5.10 -5.02 11.78
C ARG B 161 4.84 -4.49 10.38
N GLU B 162 3.67 -3.89 10.18
CA GLU B 162 3.30 -3.28 8.91
C GLU B 162 3.43 -1.77 9.09
N PHE B 163 4.20 -1.12 8.21
CA PHE B 163 4.44 0.31 8.32
C PHE B 163 4.68 0.93 6.95
N ILE B 164 4.57 2.27 6.89
CA ILE B 164 4.77 3.01 5.66
C ILE B 164 6.19 3.58 5.69
N MET B 165 6.90 3.35 4.59
CA MET B 165 8.25 3.85 4.40
C MET B 165 8.28 4.55 3.04
N LYS B 166 8.99 5.67 2.95
CA LYS B 166 9.45 6.18 1.66
C LYS B 166 10.84 5.59 1.43
N ASP B 167 10.98 4.78 0.38
CA ASP B 167 12.25 4.16 0.04
C ASP B 167 12.62 4.59 -1.37
N ALA B 168 13.84 5.12 -1.52
CA ALA B 168 14.39 5.60 -2.79
C ALA B 168 15.67 4.83 -3.10
N TYR B 169 16.01 4.71 -4.38
CA TYR B 169 17.16 3.94 -4.82
C TYR B 169 17.76 4.62 -6.05
N SER B 170 19.05 4.98 -5.98
CA SER B 170 19.72 5.71 -7.04
C SER B 170 20.80 4.86 -7.69
N PHE B 171 21.00 5.08 -8.99
CA PHE B 171 21.91 4.30 -9.81
C PHE B 171 22.88 5.24 -10.54
N HIS B 172 24.15 4.81 -10.64
CA HIS B 172 25.26 5.70 -10.99
C HIS B 172 26.36 4.92 -11.72
N LEU B 173 27.10 5.63 -12.58
CA LEU B 173 28.22 5.05 -13.31
C LEU B 173 29.53 5.28 -12.57
N SER B 174 29.51 6.11 -11.52
CA SER B 174 30.73 6.46 -10.81
C SER B 174 30.41 6.78 -9.36
N GLN B 175 31.41 6.63 -8.49
CA GLN B 175 31.28 6.97 -7.08
C GLN B 175 30.94 8.45 -6.91
N ASP B 176 31.57 9.32 -7.72
N ASP B 176 31.59 9.30 -7.72
CA ASP B 176 31.35 10.76 -7.60
CA ASP B 176 31.37 10.74 -7.65
C ASP B 176 29.90 11.11 -7.92
C ASP B 176 29.89 11.07 -7.91
N SER B 177 29.30 10.41 -8.91
CA SER B 177 27.89 10.61 -9.24
C SER B 177 26.99 10.22 -8.07
N LEU B 178 27.27 9.06 -7.45
CA LEU B 178 26.51 8.64 -6.29
C LEU B 178 26.56 9.72 -5.20
N GLN B 179 27.76 10.25 -4.94
CA GLN B 179 27.94 11.22 -3.87
C GLN B 179 27.06 12.44 -4.13
N GLN B 180 26.95 12.88 -5.38
CA GLN B 180 26.13 14.03 -5.71
C GLN B 180 24.66 13.80 -5.35
N THR B 181 24.12 12.62 -5.68
CA THR B 181 22.74 12.30 -5.38
C THR B 181 22.56 12.12 -3.87
N TYR B 182 23.49 11.41 -3.24
CA TYR B 182 23.44 11.17 -1.81
C TYR B 182 23.39 12.49 -1.06
N ASP B 183 24.24 13.45 -1.46
CA ASP B 183 24.25 14.79 -0.90
C ASP B 183 22.90 15.47 -1.11
N GLY B 184 22.32 15.34 -2.31
CA GLY B 184 21.00 15.89 -2.58
C GLY B 184 19.91 15.25 -1.72
N MET B 185 20.04 13.94 -1.46
CA MET B 185 19.06 13.26 -0.64
C MET B 185 19.18 13.71 0.82
N TYR B 186 20.42 13.92 1.29
CA TYR B 186 20.63 14.43 2.65
C TYR B 186 19.98 15.80 2.81
N GLN B 187 20.18 16.67 1.82
CA GLN B 187 19.61 18.01 1.78
C GLN B 187 18.07 17.93 1.74
N ALA B 188 17.54 17.02 0.92
CA ALA B 188 16.10 16.86 0.79
C ALA B 188 15.49 16.44 2.13
N TYR B 189 16.15 15.47 2.77
CA TYR B 189 15.74 14.98 4.07
C TYR B 189 15.70 16.13 5.09
N SER B 190 16.74 16.98 5.09
N SER B 190 16.74 16.97 5.07
CA SER B 190 16.78 18.12 5.98
CA SER B 190 16.81 18.12 5.95
C SER B 190 15.56 19.02 5.74
C SER B 190 15.59 19.03 5.74
N LYS B 191 15.22 19.25 4.47
CA LYS B 191 14.08 20.08 4.12
C LYS B 191 12.79 19.41 4.58
N ILE B 192 12.71 18.08 4.50
CA ILE B 192 11.51 17.35 4.89
C ILE B 192 11.26 17.55 6.38
N PHE B 193 12.28 17.29 7.21
CA PHE B 193 12.10 17.28 8.65
C PHE B 193 11.94 18.71 9.18
N SER B 194 12.52 19.70 8.47
CA SER B 194 12.32 21.10 8.80
C SER B 194 10.87 21.51 8.56
N ARG B 195 10.31 21.15 7.39
CA ARG B 195 8.93 21.48 7.06
C ARG B 195 7.94 20.74 7.97
N LEU B 196 8.31 19.58 8.50
CA LEU B 196 7.45 18.85 9.42
C LEU B 196 7.52 19.47 10.82
N GLY B 197 8.40 20.46 11.01
CA GLY B 197 8.45 21.22 12.24
C GLY B 197 9.01 20.43 13.41
N LEU B 198 9.88 19.46 13.10
CA LEU B 198 10.48 18.59 14.11
C LEU B 198 11.87 19.10 14.44
N ASP B 199 12.24 19.01 15.72
CA ASP B 199 13.61 19.22 16.12
C ASP B 199 14.38 17.93 15.83
N PHE B 200 15.29 17.98 14.85
CA PHE B 200 15.94 16.77 14.36
C PHE B 200 17.43 17.06 14.14
N ARG B 201 18.23 16.00 14.04
CA ARG B 201 19.64 16.13 13.72
C ARG B 201 20.08 15.01 12.79
N PRO B 202 20.82 15.31 11.70
CA PRO B 202 21.51 14.28 10.93
C PRO B 202 22.85 13.93 11.56
N VAL B 203 23.20 12.65 11.52
CA VAL B 203 24.40 12.15 12.18
C VAL B 203 25.04 11.10 11.28
N GLN B 204 26.38 11.01 11.35
CA GLN B 204 27.08 9.91 10.72
C GLN B 204 26.65 8.60 11.37
N ALA B 205 26.57 7.54 10.54
CA ALA B 205 26.20 6.21 10.99
C ALA B 205 27.20 5.20 10.45
N ASP B 206 27.15 3.98 10.97
CA ASP B 206 28.04 2.89 10.58
C ASP B 206 27.83 2.50 9.11
N ASN B 207 28.92 2.37 8.34
CA ASN B 207 28.84 1.89 6.97
C ASN B 207 29.63 0.58 6.81
N GLY B 208 30.03 -0.05 7.92
CA GLY B 208 30.61 -1.38 7.88
C GLY B 208 32.12 -1.37 7.65
N SER B 209 32.76 -0.21 7.86
CA SER B 209 34.20 -0.11 7.79
C SER B 209 34.68 1.02 8.71
N ILE B 210 35.95 0.93 9.13
CA ILE B 210 36.56 1.93 9.99
C ILE B 210 36.73 3.21 9.19
N GLY B 211 36.25 4.34 9.73
CA GLY B 211 36.23 5.59 9.00
C GLY B 211 35.23 5.56 7.86
N GLY B 212 35.35 6.49 6.90
CA GLY B 212 34.41 6.59 5.81
C GLY B 212 33.15 7.36 6.20
N SER B 213 32.30 7.67 5.21
CA SER B 213 31.12 8.50 5.44
C SER B 213 29.95 8.07 4.56
N GLY B 214 29.79 6.76 4.36
CA GLY B 214 28.81 6.21 3.43
C GLY B 214 27.44 5.94 4.05
N SER B 215 27.16 6.42 5.26
CA SER B 215 25.83 6.28 5.83
C SER B 215 25.57 7.38 6.85
N HIS B 216 24.34 7.94 6.80
CA HIS B 216 23.87 8.93 7.76
C HIS B 216 22.45 8.60 8.19
N GLU B 217 22.16 8.87 9.48
CA GLU B 217 20.82 8.77 10.04
C GLU B 217 20.26 10.17 10.28
N PHE B 218 18.93 10.27 10.29
CA PHE B 218 18.21 11.45 10.71
C PHE B 218 17.36 11.09 11.92
N HIS B 219 17.58 11.80 13.05
CA HIS B 219 16.90 11.50 14.30
C HIS B 219 16.03 12.67 14.73
N VAL B 220 14.81 12.34 15.19
CA VAL B 220 13.97 13.27 15.92
C VAL B 220 14.41 13.23 17.38
N LEU B 221 14.77 14.39 17.96
CA LEU B 221 15.24 14.43 19.34
C LEU B 221 14.06 14.24 20.28
N ALA B 222 14.16 13.23 21.16
CA ALA B 222 13.13 12.96 22.13
C ALA B 222 13.72 12.16 23.29
N ASN B 223 13.16 12.39 24.48
CA ASN B 223 13.68 11.81 25.70
C ASN B 223 13.47 10.29 25.71
N SER B 224 12.45 9.82 24.99
CA SER B 224 12.14 8.40 24.94
C SER B 224 12.96 7.69 23.88
N GLY B 225 13.75 8.45 23.09
CA GLY B 225 14.46 7.90 21.96
C GLY B 225 15.35 6.73 22.36
N GLU B 226 15.31 5.65 21.55
CA GLU B 226 16.05 4.44 21.83
C GLU B 226 17.52 4.57 21.47
N ASP B 227 17.88 5.56 20.65
CA ASP B 227 19.22 5.63 20.10
C ASP B 227 19.97 6.81 20.71
N ASP B 228 21.21 6.52 21.13
CA ASP B 228 22.13 7.53 21.62
C ASP B 228 22.87 8.12 20.43
N ILE B 229 22.86 9.46 20.37
CA ILE B 229 23.51 10.21 19.33
C ILE B 229 24.45 11.21 20.01
N VAL B 230 25.52 11.57 19.32
CA VAL B 230 26.64 12.27 19.93
C VAL B 230 26.98 13.49 19.09
N PHE B 231 27.14 14.65 19.77
CA PHE B 231 27.50 15.89 19.13
C PHE B 231 28.66 16.56 19.87
N SER B 232 29.50 17.26 19.10
CA SER B 232 30.44 18.22 19.64
C SER B 232 29.71 19.50 20.02
N ASP B 233 30.09 20.09 21.16
CA ASP B 233 29.50 21.35 21.60
C ASP B 233 30.12 22.54 20.85
N SER B 234 31.20 22.31 20.09
CA SER B 234 31.95 23.40 19.47
C SER B 234 32.11 23.23 17.96
N SER B 235 31.61 22.12 17.39
CA SER B 235 31.83 21.86 15.97
C SER B 235 30.61 21.17 15.36
N ASP B 236 30.73 20.83 14.07
CA ASP B 236 29.67 20.22 13.31
C ASP B 236 29.68 18.70 13.49
N TYR B 237 30.47 18.20 14.46
CA TYR B 237 30.64 16.76 14.63
C TYR B 237 29.35 16.16 15.17
N ALA B 238 28.88 15.09 14.51
CA ALA B 238 27.61 14.48 14.85
C ALA B 238 27.61 13.03 14.37
N ALA B 239 27.34 12.10 15.29
CA ALA B 239 27.38 10.68 14.95
C ALA B 239 26.58 9.87 15.94
N ASN B 240 25.99 8.76 15.46
CA ASN B 240 25.42 7.75 16.33
CA ASN B 240 25.41 7.80 16.38
C ASN B 240 26.56 7.20 17.19
N ILE B 241 26.23 6.71 18.39
CA ILE B 241 27.23 6.17 19.30
C ILE B 241 27.90 4.96 18.67
N GLU B 242 27.22 4.26 17.75
CA GLU B 242 27.85 3.15 17.05
C GLU B 242 29.07 3.63 16.27
N LYS B 243 28.97 4.85 15.72
CA LYS B 243 29.89 5.37 14.71
C LYS B 243 30.88 6.35 15.33
N ALA B 244 30.56 6.86 16.53
CA ALA B 244 31.27 8.00 17.11
C ALA B 244 32.69 7.58 17.51
N GLU B 245 33.69 8.30 16.98
CA GLU B 245 35.09 7.99 17.22
C GLU B 245 35.44 8.38 18.65
N ALA B 246 36.08 7.46 19.37
CA ALA B 246 36.53 7.71 20.74
C ALA B 246 38.03 7.95 20.74
N VAL B 247 38.45 9.09 21.33
CA VAL B 247 39.86 9.36 21.55
C VAL B 247 40.10 9.49 23.05
N PRO B 248 41.31 9.18 23.56
CA PRO B 248 41.56 9.24 25.00
C PRO B 248 41.59 10.66 25.58
N ARG B 249 41.17 10.74 26.84
CA ARG B 249 41.24 11.97 27.61
C ARG B 249 42.67 12.27 28.02
N GLU B 250 43.51 11.23 28.14
CA GLU B 250 44.86 11.40 28.64
C GLU B 250 45.78 11.60 27.44
N SER B 251 46.85 12.38 27.66
CA SER B 251 47.77 12.72 26.59
C SER B 251 48.93 11.72 26.54
N ALA B 252 49.18 11.03 27.66
CA ALA B 252 50.34 10.16 27.73
C ALA B 252 50.12 9.04 28.74
N ARG B 253 50.90 7.97 28.56
CA ARG B 253 50.90 6.85 29.48
C ARG B 253 51.68 7.25 30.72
N GLY B 254 51.12 6.96 31.90
CA GLY B 254 51.80 7.25 33.15
C GLY B 254 53.04 6.37 33.33
N SER B 255 53.92 6.83 34.23
CA SER B 255 55.13 6.10 34.56
C SER B 255 54.77 4.89 35.43
N ALA B 256 55.64 3.88 35.42
CA ALA B 256 55.45 2.71 36.25
C ALA B 256 55.95 3.00 37.68
N THR B 257 55.07 2.84 38.67
CA THR B 257 55.39 3.12 40.06
C THR B 257 55.31 1.86 40.92
N GLU B 258 54.72 0.77 40.39
CA GLU B 258 54.60 -0.48 41.13
C GLU B 258 55.19 -1.62 40.31
N ASP B 259 55.71 -2.64 41.01
CA ASP B 259 56.12 -3.87 40.36
C ASP B 259 54.90 -4.77 40.21
N MET B 260 54.89 -5.59 39.15
CA MET B 260 53.76 -6.46 38.89
C MET B 260 53.82 -7.65 39.86
N ARG B 261 52.64 -8.12 40.26
CA ARG B 261 52.55 -9.20 41.22
C ARG B 261 51.24 -9.96 41.03
N LEU B 262 51.30 -11.26 41.32
CA LEU B 262 50.17 -12.18 41.21
C LEU B 262 49.39 -12.20 42.53
N VAL B 263 48.07 -11.99 42.50
CA VAL B 263 47.26 -11.88 43.71
C VAL B 263 46.11 -12.88 43.65
N ASP B 264 45.77 -13.49 44.79
CA ASP B 264 44.61 -14.36 44.85
C ASP B 264 43.36 -13.49 44.94
N THR B 265 42.39 -13.77 44.05
CA THR B 265 41.18 -12.97 43.94
C THR B 265 39.98 -13.89 43.77
N PRO B 266 39.60 -14.68 44.81
CA PRO B 266 38.38 -15.49 44.78
C PRO B 266 37.17 -14.56 44.74
N ASN B 267 36.08 -15.02 44.11
CA ASN B 267 34.85 -14.23 44.02
C ASN B 267 35.10 -12.85 43.41
N THR B 268 35.99 -12.75 42.42
CA THR B 268 36.29 -11.46 41.81
C THR B 268 36.21 -11.58 40.30
N LYS B 269 35.01 -11.39 39.75
CA LYS B 269 34.78 -11.62 38.32
C LYS B 269 34.14 -10.42 37.63
N THR B 270 33.99 -9.30 38.35
CA THR B 270 33.44 -8.09 37.78
C THR B 270 34.35 -6.91 38.10
N ILE B 271 34.19 -5.83 37.36
CA ILE B 271 34.89 -4.59 37.67
C ILE B 271 34.55 -4.16 39.09
N ALA B 272 33.27 -4.26 39.49
CA ALA B 272 32.85 -3.76 40.80
C ALA B 272 33.55 -4.52 41.91
N ALA B 273 33.66 -5.85 41.74
CA ALA B 273 34.29 -6.70 42.74
C ALA B 273 35.77 -6.36 42.87
N LEU B 274 36.38 -5.90 41.77
CA LEU B 274 37.79 -5.56 41.75
C LEU B 274 37.98 -4.16 42.35
N VAL B 275 37.10 -3.21 41.98
CA VAL B 275 37.17 -1.84 42.47
C VAL B 275 36.89 -1.82 43.98
N ASP B 276 35.85 -2.53 44.42
CA ASP B 276 35.42 -2.47 45.81
C ASP B 276 36.22 -3.46 46.66
N GLY B 277 36.53 -4.64 46.08
CA GLY B 277 37.24 -5.68 46.80
C GLY B 277 38.67 -5.28 47.16
N PHE B 278 39.35 -4.61 46.24
CA PHE B 278 40.77 -4.35 46.34
C PHE B 278 41.06 -2.85 46.32
N GLN B 279 39.99 -2.04 46.33
CA GLN B 279 40.11 -0.60 46.46
C GLN B 279 41.02 -0.05 45.34
N LEU B 280 40.73 -0.49 44.11
CA LEU B 280 41.35 0.00 42.89
C LEU B 280 40.49 1.10 42.28
N PRO B 281 41.09 2.20 41.76
CA PRO B 281 40.36 3.10 40.85
C PRO B 281 39.89 2.33 39.63
N ILE B 282 38.67 2.65 39.16
CA ILE B 282 38.09 1.98 38.00
C ILE B 282 38.99 2.18 36.78
N GLU B 283 39.68 3.32 36.70
CA GLU B 283 40.55 3.63 35.57
C GLU B 283 41.82 2.77 35.61
N LYS B 284 41.97 1.93 36.64
CA LYS B 284 43.09 1.00 36.70
C LYS B 284 42.63 -0.44 36.39
N THR B 285 41.40 -0.62 35.92
CA THR B 285 40.90 -1.96 35.62
C THR B 285 40.61 -2.08 34.13
N ILE B 286 40.45 -3.32 33.64
CA ILE B 286 40.13 -3.58 32.25
C ILE B 286 39.02 -4.63 32.15
N LYS B 287 38.27 -4.59 31.04
CA LYS B 287 37.42 -5.68 30.63
C LYS B 287 38.07 -6.38 29.45
N THR B 288 38.13 -7.72 29.52
CA THR B 288 38.63 -8.51 28.41
C THR B 288 37.47 -9.30 27.82
N LEU B 289 37.20 -9.07 26.53
CA LEU B 289 36.12 -9.75 25.83
C LEU B 289 36.71 -10.60 24.72
N VAL B 290 36.34 -11.88 24.71
CA VAL B 290 36.89 -12.79 23.72
C VAL B 290 35.84 -13.05 22.65
N VAL B 291 36.25 -12.80 21.39
CA VAL B 291 35.38 -12.95 20.23
C VAL B 291 36.07 -13.86 19.21
N HIS B 292 35.30 -14.27 18.20
CA HIS B 292 35.79 -15.13 17.13
C HIS B 292 36.54 -14.27 16.11
N GLY B 293 37.69 -14.80 15.68
CA GLY B 293 38.48 -14.15 14.65
C GLY B 293 37.93 -14.44 13.26
N ALA B 294 38.30 -13.60 12.29
CA ALA B 294 37.92 -13.80 10.90
C ALA B 294 38.55 -15.07 10.33
N GLU B 295 39.78 -15.40 10.76
CA GLU B 295 40.39 -16.68 10.43
C GLU B 295 39.67 -17.79 11.21
N GLU B 296 39.12 -18.74 10.46
CA GLU B 296 38.30 -19.83 10.98
C GLU B 296 38.98 -20.51 12.18
N GLY B 297 38.29 -20.57 13.32
CA GLY B 297 38.70 -21.35 14.47
C GLY B 297 39.61 -20.60 15.44
N THR B 298 39.83 -19.30 15.21
CA THR B 298 40.69 -18.47 16.03
C THR B 298 39.84 -17.56 16.91
N LEU B 299 40.43 -17.09 18.02
CA LEU B 299 39.81 -16.12 18.90
C LEU B 299 40.63 -14.84 18.94
N VAL B 300 39.97 -13.72 19.28
CA VAL B 300 40.64 -12.43 19.48
C VAL B 300 40.13 -11.85 20.80
N ALA B 301 41.06 -11.37 21.63
CA ALA B 301 40.71 -10.68 22.86
C ALA B 301 40.67 -9.18 22.62
N LEU B 302 39.56 -8.55 23.01
CA LEU B 302 39.35 -7.11 22.90
C LEU B 302 39.26 -6.51 24.30
N ILE B 303 40.05 -5.47 24.56
CA ILE B 303 40.17 -4.97 25.92
C ILE B 303 39.79 -3.50 25.96
N VAL B 304 38.90 -3.15 26.89
CA VAL B 304 38.57 -1.77 27.19
C VAL B 304 38.79 -1.54 28.67
N ARG B 305 38.90 -0.27 29.05
CA ARG B 305 39.10 0.11 30.44
C ARG B 305 37.81 -0.18 31.20
N GLY B 306 37.93 -0.36 32.52
CA GLY B 306 36.85 -0.86 33.35
C GLY B 306 35.60 0.02 33.34
N ASP B 307 35.77 1.33 33.13
CA ASP B 307 34.66 2.27 33.14
C ASP B 307 34.06 2.43 31.75
N HIS B 308 34.55 1.65 30.77
CA HIS B 308 34.11 1.77 29.39
C HIS B 308 33.35 0.52 28.94
N GLU B 309 32.78 0.60 27.74
CA GLU B 309 32.04 -0.50 27.12
C GLU B 309 32.62 -0.77 25.74
N LEU B 310 32.66 -2.05 25.37
CA LEU B 310 33.03 -2.43 24.03
C LEU B 310 31.93 -1.99 23.07
N ASN B 311 32.34 -1.33 21.98
CA ASN B 311 31.45 -0.98 20.89
C ASN B 311 31.51 -2.14 19.90
N GLU B 312 30.37 -2.82 19.70
CA GLU B 312 30.33 -4.07 18.96
C GLU B 312 30.46 -3.81 17.45
N ILE B 313 30.11 -2.60 16.98
CA ILE B 313 30.32 -2.24 15.58
C ILE B 313 31.81 -2.04 15.32
N LYS B 314 32.46 -1.29 16.20
CA LYS B 314 33.89 -1.06 16.10
C LYS B 314 34.63 -2.40 16.16
N ALA B 315 34.20 -3.28 17.06
CA ALA B 315 34.82 -4.60 17.22
C ALA B 315 34.75 -5.38 15.91
N ALA B 316 33.56 -5.45 15.30
CA ALA B 316 33.33 -6.25 14.10
C ALA B 316 34.06 -5.67 12.90
N ASN B 317 34.28 -4.35 12.92
CA ASN B 317 34.93 -3.65 11.82
C ASN B 317 36.45 -3.88 11.85
N GLN B 318 36.99 -4.47 12.91
CA GLN B 318 38.42 -4.79 12.91
C GLN B 318 38.67 -5.98 11.97
N PRO B 319 39.67 -5.88 11.07
CA PRO B 319 39.99 -6.96 10.13
C PRO B 319 40.15 -8.36 10.73
N LEU B 320 40.80 -8.43 11.90
CA LEU B 320 41.11 -9.65 12.62
C LEU B 320 39.85 -10.32 13.17
N VAL B 321 38.79 -9.53 13.41
CA VAL B 321 37.58 -9.98 14.09
C VAL B 321 36.55 -10.40 13.04
N ALA B 322 35.89 -11.54 13.27
CA ALA B 322 34.83 -12.00 12.39
C ALA B 322 33.64 -11.04 12.44
N SER B 323 33.10 -10.74 11.25
CA SER B 323 31.91 -9.92 11.09
C SER B 323 30.85 -10.75 10.35
N PRO B 324 29.64 -10.93 10.93
CA PRO B 324 29.21 -10.22 12.13
C PRO B 324 29.82 -10.81 13.39
N LEU B 325 29.63 -10.08 14.50
CA LEU B 325 30.38 -10.31 15.73
C LEU B 325 29.84 -11.52 16.48
N VAL B 326 30.74 -12.44 16.81
CA VAL B 326 30.41 -13.62 17.59
C VAL B 326 31.34 -13.71 18.79
N PHE B 327 30.73 -13.78 19.97
CA PHE B 327 31.47 -13.92 21.21
C PHE B 327 31.81 -15.38 21.43
N ALA B 328 33.03 -15.63 21.92
CA ALA B 328 33.46 -16.96 22.29
C ALA B 328 32.61 -17.46 23.45
N SER B 329 32.33 -18.78 23.47
CA SER B 329 31.65 -19.40 24.60
C SER B 329 32.61 -19.53 25.78
N GLU B 330 32.06 -19.86 26.95
CA GLU B 330 32.90 -20.07 28.10
C GLU B 330 33.83 -21.27 27.87
N ALA B 331 33.32 -22.34 27.23
CA ALA B 331 34.14 -23.51 26.98
C ALA B 331 35.26 -23.19 25.98
N GLU B 332 34.95 -22.36 24.98
CA GLU B 332 35.97 -21.93 24.02
C GLU B 332 37.06 -21.13 24.73
N ILE B 333 36.66 -20.17 25.57
CA ILE B 333 37.58 -19.35 26.34
C ILE B 333 38.47 -20.23 27.23
N ARG B 334 37.87 -21.17 27.96
CA ARG B 334 38.61 -21.98 28.92
C ARG B 334 39.60 -22.90 28.22
N ALA B 335 39.17 -23.52 27.12
CA ALA B 335 40.05 -24.38 26.33
C ALA B 335 41.23 -23.60 25.79
N ALA B 336 40.97 -22.39 25.27
CA ALA B 336 42.00 -21.61 24.61
C ALA B 336 42.97 -21.03 25.63
N ILE B 337 42.43 -20.44 26.71
CA ILE B 337 43.22 -19.55 27.55
C ILE B 337 43.67 -20.26 28.84
N GLY B 338 42.89 -21.23 29.32
CA GLY B 338 43.23 -21.93 30.56
C GLY B 338 42.54 -21.36 31.79
N ALA B 339 41.62 -20.41 31.57
CA ALA B 339 40.75 -19.90 32.62
C ALA B 339 39.52 -19.30 31.95
N GLY B 340 38.55 -18.91 32.78
CA GLY B 340 37.26 -18.47 32.28
C GLY B 340 37.04 -16.98 32.48
N PRO B 341 35.86 -16.47 32.06
CA PRO B 341 35.52 -15.06 32.25
C PRO B 341 35.64 -14.69 33.72
N GLY B 342 36.16 -13.49 34.02
CA GLY B 342 36.41 -13.07 35.38
C GLY B 342 37.89 -13.11 35.74
N SER B 343 38.65 -14.03 35.13
CA SER B 343 40.07 -14.18 35.39
C SER B 343 40.92 -14.01 34.13
N LEU B 344 40.48 -13.16 33.18
CA LEU B 344 41.18 -13.02 31.91
C LEU B 344 41.97 -11.72 31.85
N GLY B 345 42.97 -11.68 30.95
CA GLY B 345 43.85 -10.53 30.80
C GLY B 345 44.90 -10.68 29.69
N PRO B 346 45.69 -9.61 29.42
CA PRO B 346 46.68 -9.64 28.35
C PRO B 346 48.03 -10.28 28.68
N VAL B 347 48.30 -10.55 29.97
CA VAL B 347 49.56 -11.15 30.39
C VAL B 347 49.46 -12.67 30.23
N ASN B 348 50.40 -13.25 29.47
CA ASN B 348 50.40 -14.68 29.17
C ASN B 348 49.08 -15.08 28.52
N LEU B 349 48.68 -14.30 27.51
CA LEU B 349 47.48 -14.55 26.75
C LEU B 349 47.86 -15.26 25.46
N PRO B 350 47.42 -16.53 25.24
CA PRO B 350 47.84 -17.29 24.06
C PRO B 350 47.03 -17.06 22.78
N ILE B 351 46.25 -15.96 22.74
CA ILE B 351 45.53 -15.56 21.53
C ILE B 351 45.84 -14.10 21.21
N ALA B 352 45.48 -13.69 19.98
CA ALA B 352 45.67 -12.32 19.53
C ALA B 352 44.84 -11.38 20.39
N CYS B 353 45.32 -10.14 20.51
CA CYS B 353 44.74 -9.17 21.43
C CYS B 353 44.75 -7.79 20.79
N ILE B 354 43.64 -7.06 20.97
CA ILE B 354 43.57 -5.66 20.57
C ILE B 354 43.05 -4.87 21.76
N VAL B 355 43.70 -3.74 22.02
CA VAL B 355 43.38 -2.92 23.17
C VAL B 355 42.90 -1.58 22.67
N ASP B 356 41.99 -0.98 23.44
CA ASP B 356 41.45 0.32 23.13
C ASP B 356 42.52 1.39 23.37
N ARG B 357 42.40 2.48 22.62
CA ARG B 357 43.29 3.63 22.75
C ARG B 357 43.52 4.01 24.22
N SER B 358 42.46 4.05 25.02
CA SER B 358 42.58 4.45 26.41
C SER B 358 43.41 3.44 27.21
N VAL B 359 43.25 2.16 26.89
CA VAL B 359 43.96 1.08 27.55
C VAL B 359 45.46 1.22 27.36
N ALA B 360 45.89 1.61 26.16
CA ALA B 360 47.30 1.75 25.84
C ALA B 360 48.00 2.77 26.75
N LEU B 361 47.23 3.72 27.32
CA LEU B 361 47.79 4.80 28.11
C LEU B 361 47.73 4.48 29.61
N MET B 362 47.17 3.32 29.97
CA MET B 362 47.04 2.93 31.38
C MET B 362 48.39 2.53 31.96
N SER B 363 48.49 2.58 33.30
CA SER B 363 49.70 2.17 34.01
C SER B 363 49.33 1.66 35.41
N ASP B 364 50.20 0.80 35.95
CA ASP B 364 50.04 0.18 37.26
C ASP B 364 48.63 -0.41 37.39
N PHE B 365 48.16 -1.12 36.34
CA PHE B 365 46.77 -1.56 36.27
C PHE B 365 46.65 -3.03 36.67
N ALA B 366 45.41 -3.43 36.98
CA ALA B 366 45.10 -4.80 37.34
C ALA B 366 44.48 -5.52 36.15
N ALA B 367 44.65 -6.84 36.13
CA ALA B 367 44.15 -7.66 35.04
C ALA B 367 44.04 -9.11 35.51
N GLY B 368 42.95 -9.79 35.13
CA GLY B 368 42.85 -11.20 35.37
C GLY B 368 44.09 -11.92 34.83
N ALA B 369 44.54 -12.95 35.56
CA ALA B 369 45.87 -13.51 35.34
C ALA B 369 45.87 -14.64 34.32
N ASN B 370 44.70 -14.94 33.73
CA ASN B 370 44.52 -16.11 32.87
C ASN B 370 44.74 -17.37 33.69
N ILE B 371 44.50 -17.24 35.00
CA ILE B 371 44.46 -18.32 35.95
C ILE B 371 43.24 -18.05 36.82
N GLU B 372 42.46 -19.09 37.09
CA GLU B 372 41.20 -18.94 37.80
C GLU B 372 41.45 -18.28 39.16
N ASP B 373 40.64 -17.26 39.47
CA ASP B 373 40.62 -16.59 40.76
C ASP B 373 41.96 -15.94 41.11
N LYS B 374 42.63 -15.37 40.10
CA LYS B 374 43.82 -14.59 40.34
C LYS B 374 43.87 -13.41 39.39
N HIS B 375 44.51 -12.33 39.83
CA HIS B 375 44.78 -11.16 39.01
C HIS B 375 46.23 -10.76 39.18
N TYR B 376 46.81 -10.18 38.14
CA TYR B 376 48.05 -9.43 38.27
C TYR B 376 47.71 -8.00 38.67
N PHE B 377 48.43 -7.47 39.66
N PHE B 377 48.44 -7.47 39.65
CA PHE B 377 48.39 -6.04 39.95
CA PHE B 377 48.39 -6.05 39.94
C PHE B 377 49.73 -5.43 39.58
C PHE B 377 49.74 -5.43 39.60
N GLY B 378 49.71 -4.11 39.37
CA GLY B 378 50.91 -3.35 39.05
C GLY B 378 51.43 -3.62 37.64
N VAL B 379 50.54 -3.96 36.71
CA VAL B 379 50.94 -4.26 35.34
C VAL B 379 51.35 -2.95 34.65
N ASN B 380 52.41 -3.00 33.84
CA ASN B 380 52.80 -1.88 33.01
C ASN B 380 53.21 -2.35 31.61
N TRP B 381 52.72 -1.63 30.60
CA TRP B 381 53.08 -1.91 29.22
C TRP B 381 54.58 -1.73 29.03
N GLU B 382 55.13 -2.56 28.14
CA GLU B 382 56.55 -2.57 27.77
C GLU B 382 57.34 -3.28 28.86
N ARG B 383 57.23 -2.83 30.12
CA ARG B 383 57.99 -3.49 31.18
C ARG B 383 57.56 -4.95 31.34
N ASP B 384 56.25 -5.22 31.53
CA ASP B 384 55.82 -6.55 31.92
C ASP B 384 55.32 -7.37 30.72
N LEU B 385 54.94 -6.68 29.64
CA LEU B 385 54.50 -7.34 28.43
C LEU B 385 54.46 -6.30 27.33
N PRO B 386 54.63 -6.71 26.06
CA PRO B 386 54.53 -5.78 24.94
C PRO B 386 53.11 -5.26 24.78
N LEU B 387 53.02 -4.00 24.36
CA LEU B 387 51.73 -3.40 24.03
C LEU B 387 51.22 -4.05 22.74
N PRO B 388 49.99 -4.59 22.71
CA PRO B 388 49.44 -5.16 21.49
C PRO B 388 48.98 -4.07 20.53
N GLU B 389 48.29 -4.51 19.47
CA GLU B 389 47.63 -3.58 18.57
C GLU B 389 46.64 -2.75 19.38
N VAL B 390 46.61 -1.45 19.04
CA VAL B 390 45.69 -0.48 19.60
C VAL B 390 44.64 -0.15 18.54
N ALA B 391 43.39 0.00 18.96
CA ALA B 391 42.36 0.47 18.06
C ALA B 391 41.31 1.23 18.86
N ASP B 392 40.46 1.96 18.14
CA ASP B 392 39.27 2.53 18.75
C ASP B 392 38.23 1.43 18.88
N LEU B 393 37.98 0.97 20.12
CA LEU B 393 37.11 -0.16 20.40
C LEU B 393 35.93 0.23 21.28
N ARG B 394 35.98 1.39 21.92
CA ARG B 394 35.02 1.68 22.98
C ARG B 394 33.93 2.62 22.46
N ASN B 395 32.87 2.74 23.26
CA ASN B 395 31.85 3.75 23.06
C ASN B 395 32.34 5.06 23.68
N VAL B 396 32.02 6.17 23.02
CA VAL B 396 32.22 7.48 23.64
C VAL B 396 31.34 7.59 24.88
N VAL B 397 31.78 8.41 25.84
CA VAL B 397 30.97 8.73 27.01
C VAL B 397 30.82 10.24 27.09
N GLU B 398 29.88 10.69 27.94
CA GLU B 398 29.53 12.10 28.02
C GLU B 398 30.75 12.90 28.46
N GLY B 399 31.13 13.89 27.63
CA GLY B 399 32.19 14.84 27.95
C GLY B 399 33.56 14.43 27.40
N ASP B 400 33.63 13.30 26.69
CA ASP B 400 34.85 12.90 26.02
C ASP B 400 35.27 14.01 25.06
N PRO B 401 36.53 14.03 24.58
CA PRO B 401 36.96 15.02 23.60
C PRO B 401 36.37 14.71 22.22
N SER B 402 35.98 15.76 21.50
CA SER B 402 35.49 15.60 20.14
C SER B 402 36.63 15.05 19.29
N PRO B 403 36.40 13.98 18.49
CA PRO B 403 37.49 13.35 17.74
C PRO B 403 38.06 14.20 16.60
N ASP B 404 37.43 15.35 16.32
CA ASP B 404 37.95 16.28 15.34
C ASP B 404 38.82 17.34 16.02
N GLY B 405 38.96 17.22 17.35
CA GLY B 405 39.84 18.09 18.12
C GLY B 405 39.19 19.43 18.47
N LYS B 406 37.86 19.54 18.33
CA LYS B 406 37.19 20.80 18.60
C LYS B 406 36.06 20.59 19.61
N GLY B 407 36.37 20.84 20.89
CA GLY B 407 35.38 20.83 21.95
C GLY B 407 35.18 19.43 22.54
N THR B 408 34.08 19.26 23.30
CA THR B 408 33.78 18.00 23.96
C THR B 408 32.40 17.49 23.56
N LEU B 409 32.21 16.17 23.74
CA LEU B 409 31.04 15.46 23.25
C LEU B 409 29.88 15.51 24.23
N VAL B 410 28.67 15.59 23.67
CA VAL B 410 27.42 15.51 24.41
C VAL B 410 26.57 14.38 23.81
N ILE B 411 25.90 13.60 24.68
CA ILE B 411 25.06 12.48 24.25
C ILE B 411 23.58 12.79 24.48
N LYS B 412 22.77 12.72 23.40
CA LYS B 412 21.32 12.90 23.50
C LYS B 412 20.61 11.61 23.05
N ARG B 413 19.28 11.58 23.26
CA ARG B 413 18.46 10.47 22.81
C ARG B 413 17.72 10.87 21.54
N GLY B 414 17.65 9.93 20.58
CA GLY B 414 17.09 10.21 19.26
C GLY B 414 16.22 9.06 18.74
N ILE B 415 15.16 9.42 17.99
CA ILE B 415 14.32 8.46 17.30
C ILE B 415 14.70 8.47 15.83
N GLU B 416 15.19 7.33 15.31
CA GLU B 416 15.63 7.23 13.93
C GLU B 416 14.42 7.25 13.02
N VAL B 417 14.36 8.24 12.12
CA VAL B 417 13.26 8.39 11.18
C VAL B 417 13.75 8.36 9.74
N GLY B 418 15.06 8.57 9.52
CA GLY B 418 15.63 8.49 8.18
C GLY B 418 17.00 7.81 8.22
N HIS B 419 17.33 7.06 7.16
CA HIS B 419 18.64 6.44 7.05
C HIS B 419 19.01 6.37 5.58
N ILE B 420 20.21 6.87 5.24
CA ILE B 420 20.67 6.87 3.86
C ILE B 420 21.98 6.09 3.77
N PHE B 421 22.22 5.49 2.59
CA PHE B 421 23.24 4.47 2.43
C PHE B 421 23.90 4.56 1.06
N GLN B 422 25.22 4.37 1.04
CA GLN B 422 25.97 4.09 -0.17
C GLN B 422 26.23 2.58 -0.23
N LEU B 423 25.76 1.93 -1.30
CA LEU B 423 25.75 0.47 -1.38
C LEU B 423 26.84 -0.05 -2.31
N GLY B 424 27.63 0.84 -2.92
CA GLY B 424 28.56 0.40 -3.95
C GLY B 424 27.88 -0.53 -4.96
N THR B 425 28.51 -1.68 -5.22
CA THR B 425 28.02 -2.61 -6.23
C THR B 425 27.51 -3.91 -5.58
N LYS B 426 27.09 -3.85 -4.32
CA LYS B 426 26.65 -5.06 -3.62
C LYS B 426 25.56 -5.75 -4.45
N TYR B 427 24.53 -4.98 -4.85
CA TYR B 427 23.39 -5.55 -5.53
C TYR B 427 23.67 -5.75 -7.02
N SER B 428 24.35 -4.78 -7.65
CA SER B 428 24.55 -4.79 -9.09
C SER B 428 25.47 -5.93 -9.51
N GLU B 429 26.43 -6.29 -8.65
CA GLU B 429 27.31 -7.43 -8.88
C GLU B 429 26.54 -8.74 -8.80
N ALA B 430 25.76 -8.90 -7.73
CA ALA B 430 25.08 -10.16 -7.47
C ALA B 430 23.97 -10.39 -8.50
N MET B 431 23.35 -9.30 -8.98
CA MET B 431 22.15 -9.42 -9.81
C MET B 431 22.43 -8.97 -11.24
N LYS B 432 23.71 -8.81 -11.59
CA LYS B 432 24.16 -8.56 -12.95
C LYS B 432 23.44 -7.34 -13.53
N LEU B 433 23.65 -6.19 -12.89
CA LEU B 433 23.14 -4.93 -13.38
C LEU B 433 24.33 -4.10 -13.85
N SER B 434 24.44 -3.95 -15.17
CA SER B 434 25.59 -3.28 -15.77
CA SER B 434 25.57 -3.26 -15.76
C SER B 434 25.15 -2.52 -17.01
N VAL B 435 25.82 -1.39 -17.26
CA VAL B 435 25.57 -0.56 -18.41
C VAL B 435 26.95 -0.18 -18.98
N LEU B 436 27.04 -0.08 -20.31
CA LEU B 436 28.29 0.29 -20.96
C LEU B 436 28.53 1.78 -20.73
N SER B 437 29.78 2.12 -20.40
CA SER B 437 30.20 3.52 -20.35
C SER B 437 30.12 4.11 -21.75
N GLU B 438 30.32 5.43 -21.83
CA GLU B 438 30.45 6.11 -23.11
C GLU B 438 31.55 5.45 -23.93
N GLN B 439 32.56 4.90 -23.24
CA GLN B 439 33.73 4.32 -23.88
C GLN B 439 33.46 2.86 -24.29
N GLY B 440 32.46 2.22 -23.67
CA GLY B 440 32.07 0.87 -24.03
C GLY B 440 32.46 -0.16 -22.97
N LYS B 441 33.01 0.34 -21.84
CA LYS B 441 33.37 -0.51 -20.72
C LYS B 441 32.10 -0.89 -19.96
N PRO B 442 31.86 -2.19 -19.70
CA PRO B 442 30.76 -2.63 -18.83
C PRO B 442 31.01 -2.17 -17.40
N VAL B 443 30.00 -1.54 -16.80
CA VAL B 443 30.12 -0.95 -15.48
C VAL B 443 28.97 -1.47 -14.62
N ASN B 444 29.31 -2.13 -13.51
CA ASN B 444 28.34 -2.48 -12.49
C ASN B 444 27.89 -1.20 -11.80
N LEU B 445 26.57 -0.93 -11.85
CA LEU B 445 26.07 0.33 -11.36
C LEU B 445 26.27 0.43 -9.86
N ILE B 446 26.70 1.63 -9.46
CA ILE B 446 26.92 2.00 -8.07
C ILE B 446 25.62 2.56 -7.53
N MET B 447 25.21 2.11 -6.34
CA MET B 447 23.87 2.39 -5.88
C MET B 447 23.86 3.03 -4.50
N GLY B 448 22.83 3.85 -4.29
CA GLY B 448 22.48 4.37 -2.99
C GLY B 448 21.02 4.05 -2.70
N CYS B 449 20.66 4.02 -1.41
CA CYS B 449 19.26 3.85 -1.04
C CYS B 449 18.98 4.70 0.18
N TYR B 450 17.72 5.13 0.31
CA TYR B 450 17.36 6.21 1.20
C TYR B 450 15.96 5.94 1.75
N GLY B 451 15.85 5.80 3.07
CA GLY B 451 14.61 5.38 3.70
C GLY B 451 14.12 6.40 4.72
N ILE B 452 12.82 6.71 4.68
CA ILE B 452 12.15 7.43 5.75
C ILE B 452 11.03 6.57 6.33
N GLY B 453 11.01 6.43 7.66
CA GLY B 453 9.90 5.80 8.36
C GLY B 453 8.73 6.77 8.50
N VAL B 454 7.80 6.74 7.54
CA VAL B 454 6.74 7.73 7.44
C VAL B 454 5.73 7.56 8.57
N SER B 455 5.30 6.33 8.85
CA SER B 455 4.36 6.12 9.93
C SER B 455 5.06 6.34 11.28
N ARG B 456 6.36 6.03 11.34
CA ARG B 456 7.15 6.29 12.53
C ARG B 456 7.18 7.79 12.83
N VAL B 457 7.34 8.61 11.80
CA VAL B 457 7.45 10.05 11.94
C VAL B 457 6.26 10.63 12.69
N VAL B 458 5.05 10.10 12.43
CA VAL B 458 3.84 10.61 13.07
C VAL B 458 3.97 10.42 14.59
N ALA B 459 4.44 9.23 14.98
CA ALA B 459 4.61 8.90 16.39
C ALA B 459 5.73 9.76 16.98
N ALA B 460 6.86 9.85 16.27
CA ALA B 460 8.02 10.58 16.73
C ALA B 460 7.65 12.03 17.05
N ALA B 461 6.73 12.60 16.28
CA ALA B 461 6.28 13.97 16.48
C ALA B 461 5.65 14.13 17.87
N ILE B 462 4.83 13.14 18.28
CA ILE B 462 4.14 13.23 19.55
C ILE B 462 5.15 13.00 20.68
N GLU B 463 6.09 12.06 20.49
CA GLU B 463 7.13 11.82 21.47
C GLU B 463 7.85 13.13 21.80
N GLN B 464 8.08 13.93 20.76
CA GLN B 464 8.78 15.19 20.88
C GLN B 464 7.85 16.29 21.38
N ASN B 465 6.58 16.26 20.93
CA ASN B 465 5.66 17.38 21.14
C ASN B 465 4.37 16.91 21.81
N HIS B 466 4.29 17.10 23.14
CA HIS B 466 3.09 16.76 23.89
C HIS B 466 3.08 17.51 25.21
N ASP B 467 1.89 17.64 25.82
CA ASP B 467 1.77 18.24 27.14
C ASP B 467 0.67 17.52 27.92
N GLU B 468 0.36 18.06 29.11
CA GLU B 468 -0.62 17.46 30.01
C GLU B 468 -2.01 17.38 29.39
N ARG B 469 -2.28 18.22 28.38
CA ARG B 469 -3.60 18.26 27.75
C ARG B 469 -3.65 17.39 26.51
N GLY B 470 -2.50 16.82 26.10
CA GLY B 470 -2.47 15.86 25.00
C GLY B 470 -1.48 16.28 23.91
N ILE B 471 -1.88 16.09 22.64
CA ILE B 471 -0.96 16.23 21.52
C ILE B 471 -0.72 17.71 21.23
N LEU B 472 0.54 18.03 20.93
CA LEU B 472 0.88 19.27 20.26
C LEU B 472 1.46 18.92 18.89
N TRP B 473 0.74 19.29 17.83
CA TRP B 473 1.25 19.05 16.50
C TRP B 473 2.07 20.24 16.03
N PRO B 474 3.12 20.03 15.23
CA PRO B 474 3.67 21.09 14.39
C PRO B 474 2.54 21.50 13.43
N SER B 475 2.66 22.71 12.88
N SER B 475 2.64 22.72 12.90
CA SER B 475 1.59 23.30 12.07
CA SER B 475 1.60 23.29 12.05
C SER B 475 1.32 22.46 10.82
C SER B 475 1.30 22.39 10.86
N ALA B 476 2.34 21.79 10.28
CA ALA B 476 2.21 21.02 9.05
C ALA B 476 1.44 19.72 9.28
N LEU B 477 1.34 19.26 10.53
CA LEU B 477 0.80 17.94 10.84
C LEU B 477 -0.60 18.00 11.45
N ALA B 478 -1.03 19.17 11.92
CA ALA B 478 -2.32 19.29 12.58
C ALA B 478 -3.42 18.69 11.71
N PRO B 479 -4.27 17.77 12.22
CA PRO B 479 -5.32 17.14 11.39
C PRO B 479 -6.36 18.16 10.90
N PHE B 480 -6.68 19.13 11.77
CA PHE B 480 -7.44 20.30 11.37
C PHE B 480 -6.78 21.54 11.96
N GLN B 481 -7.09 22.70 11.39
CA GLN B 481 -6.51 23.96 11.81
C GLN B 481 -7.39 24.64 12.85
N ILE B 482 -8.72 24.52 12.67
CA ILE B 482 -9.69 25.24 13.49
C ILE B 482 -10.78 24.28 13.95
N ALA B 483 -11.03 24.25 15.27
CA ALA B 483 -12.21 23.60 15.84
C ALA B 483 -13.29 24.64 16.13
N LEU B 484 -14.47 24.48 15.54
CA LEU B 484 -15.66 25.26 15.89
C LEU B 484 -16.45 24.52 16.96
N VAL B 485 -16.56 25.12 18.16
CA VAL B 485 -17.34 24.54 19.24
C VAL B 485 -18.57 25.40 19.50
N PRO B 486 -19.71 25.12 18.84
CA PRO B 486 -20.98 25.75 19.21
C PRO B 486 -21.52 25.22 20.54
N LEU B 487 -22.01 26.15 21.38
CA LEU B 487 -22.79 25.80 22.56
C LEU B 487 -24.28 25.87 22.18
N LYS B 488 -25.00 24.76 22.38
CA LYS B 488 -26.39 24.64 21.99
C LYS B 488 -26.51 24.95 20.49
N TYR B 489 -25.90 24.06 19.69
CA TYR B 489 -25.92 24.12 18.23
C TYR B 489 -27.35 23.93 17.71
N GLU B 490 -28.25 23.44 18.57
CA GLU B 490 -29.64 23.22 18.19
C GLU B 490 -30.43 24.53 18.05
N THR B 491 -29.86 25.65 18.53
CA THR B 491 -30.50 26.95 18.38
CA THR B 491 -30.46 26.96 18.39
C THR B 491 -30.21 27.48 16.97
N GLU B 492 -31.26 27.99 16.30
CA GLU B 492 -31.14 28.43 14.91
C GLU B 492 -30.06 29.50 14.77
N SER B 493 -30.08 30.51 15.64
CA SER B 493 -29.10 31.59 15.61
C SER B 493 -27.69 31.02 15.64
N VAL B 494 -27.42 30.11 16.58
CA VAL B 494 -26.12 29.48 16.73
C VAL B 494 -25.82 28.63 15.50
N LYS B 495 -26.77 27.76 15.14
CA LYS B 495 -26.63 26.83 14.04
C LYS B 495 -26.23 27.60 12.79
N GLN B 496 -26.98 28.67 12.50
CA GLN B 496 -26.73 29.53 11.36
C GLN B 496 -25.39 30.25 11.51
N ALA B 497 -25.08 30.74 12.72
CA ALA B 497 -23.84 31.46 12.94
C ALA B 497 -22.64 30.53 12.76
N THR B 498 -22.78 29.29 13.21
CA THR B 498 -21.70 28.31 13.14
C THR B 498 -21.51 27.84 11.69
N ASP B 499 -22.61 27.47 11.02
CA ASP B 499 -22.55 26.95 9.66
C ASP B 499 -21.96 28.01 8.72
N LYS B 500 -22.33 29.27 8.94
CA LYS B 500 -21.81 30.37 8.17
C LYS B 500 -20.31 30.49 8.39
N LEU B 501 -19.87 30.28 9.63
CA LEU B 501 -18.46 30.38 9.98
C LEU B 501 -17.68 29.24 9.34
N TYR B 502 -18.27 28.04 9.34
CA TYR B 502 -17.66 26.86 8.73
C TYR B 502 -17.42 27.12 7.25
N ALA B 503 -18.42 27.70 6.57
CA ALA B 503 -18.40 27.87 5.13
C ALA B 503 -17.34 28.89 4.72
N GLU B 504 -17.36 30.07 5.36
CA GLU B 504 -16.38 31.11 5.10
C GLU B 504 -14.97 30.55 5.28
N LEU B 505 -14.71 29.95 6.46
CA LEU B 505 -13.39 29.44 6.80
C LEU B 505 -12.96 28.34 5.84
N THR B 506 -13.89 27.43 5.51
CA THR B 506 -13.62 26.37 4.54
C THR B 506 -13.36 27.00 3.17
N ALA B 507 -14.12 28.04 2.83
CA ALA B 507 -13.95 28.76 1.58
C ALA B 507 -12.56 29.42 1.51
N ALA B 508 -12.06 29.92 2.64
CA ALA B 508 -10.76 30.59 2.68
C ALA B 508 -9.62 29.58 2.70
N GLY B 509 -9.94 28.28 2.63
CA GLY B 509 -8.95 27.24 2.45
C GLY B 509 -8.49 26.63 3.77
N PHE B 510 -9.21 26.92 4.87
CA PHE B 510 -8.84 26.38 6.17
C PHE B 510 -9.57 25.07 6.40
N GLU B 511 -8.92 24.19 7.15
CA GLU B 511 -9.46 22.88 7.48
C GLU B 511 -10.13 22.97 8.85
N VAL B 512 -11.46 22.82 8.84
CA VAL B 512 -12.28 23.10 10.01
C VAL B 512 -12.96 21.82 10.47
N LEU B 513 -12.94 21.60 11.78
CA LEU B 513 -13.73 20.56 12.41
C LEU B 513 -14.83 21.22 13.24
N LEU B 514 -16.07 20.81 13.01
CA LEU B 514 -17.23 21.36 13.68
C LEU B 514 -17.72 20.35 14.71
N ASP B 515 -17.71 20.74 15.99
CA ASP B 515 -18.18 19.87 17.05
C ASP B 515 -19.71 19.92 17.08
N ASP B 516 -20.36 18.85 16.61
CA ASP B 516 -21.80 18.84 16.41
C ASP B 516 -22.49 18.01 17.50
N ARG B 517 -21.76 17.62 18.55
CA ARG B 517 -22.28 16.70 19.55
C ARG B 517 -23.32 17.42 20.40
N ASP B 518 -24.27 16.63 20.95
CA ASP B 518 -25.46 17.17 21.60
C ASP B 518 -25.11 17.54 23.05
N LYS B 519 -26.15 17.85 23.83
CA LYS B 519 -26.03 18.34 25.19
C LYS B 519 -25.36 17.31 26.10
N LYS B 520 -25.43 16.03 25.73
CA LYS B 520 -24.88 14.96 26.56
C LYS B 520 -23.35 14.95 26.52
N THR B 521 -22.74 15.76 25.64
CA THR B 521 -21.32 16.04 25.71
C THR B 521 -21.12 17.50 26.16
N SER B 522 -20.60 17.66 27.39
CA SER B 522 -20.46 18.97 28.00
C SER B 522 -19.47 19.81 27.20
N PRO B 523 -19.52 21.16 27.31
CA PRO B 523 -18.53 22.03 26.66
C PRO B 523 -17.11 21.79 27.15
N GLY B 524 -16.95 21.41 28.42
CA GLY B 524 -15.63 21.13 28.98
C GLY B 524 -15.01 19.89 28.34
N VAL B 525 -15.78 18.80 28.27
CA VAL B 525 -15.38 17.59 27.57
C VAL B 525 -14.99 17.93 26.13
N LYS B 526 -15.81 18.72 25.44
CA LYS B 526 -15.54 19.14 24.07
C LYS B 526 -14.18 19.82 23.96
N PHE B 527 -13.92 20.77 24.88
CA PHE B 527 -12.71 21.56 24.87
C PHE B 527 -11.48 20.67 25.07
N ALA B 528 -11.60 19.73 26.02
CA ALA B 528 -10.53 18.81 26.36
C ALA B 528 -10.24 17.85 25.20
N ASP B 529 -11.29 17.51 24.43
CA ASP B 529 -11.16 16.62 23.29
C ASP B 529 -10.39 17.32 22.17
N MET B 530 -10.75 18.58 21.86
CA MET B 530 -10.11 19.31 20.77
C MET B 530 -8.63 19.54 21.11
N GLU B 531 -8.30 19.62 22.40
CA GLU B 531 -6.93 19.85 22.84
C GLU B 531 -6.14 18.54 22.86
N LEU B 532 -6.79 17.44 23.25
CA LEU B 532 -6.20 16.11 23.23
C LEU B 532 -5.73 15.76 21.82
N ILE B 533 -6.62 16.04 20.85
CA ILE B 533 -6.39 15.74 19.44
C ILE B 533 -5.33 16.67 18.85
N GLY B 534 -5.14 17.84 19.47
CA GLY B 534 -4.06 18.74 19.11
C GLY B 534 -4.46 19.80 18.08
N ILE B 535 -5.76 20.11 18.02
CA ILE B 535 -6.24 21.17 17.13
C ILE B 535 -5.67 22.49 17.64
N PRO B 536 -4.90 23.25 16.82
CA PRO B 536 -4.21 24.44 17.33
C PRO B 536 -5.08 25.65 17.65
N HIS B 537 -6.28 25.74 17.06
CA HIS B 537 -7.16 26.88 17.27
C HIS B 537 -8.60 26.43 17.46
N ARG B 538 -9.29 27.03 18.45
CA ARG B 538 -10.71 26.80 18.62
C ARG B 538 -11.44 28.15 18.64
N ILE B 539 -12.65 28.12 18.05
CA ILE B 539 -13.60 29.22 18.14
C ILE B 539 -14.85 28.67 18.80
N VAL B 540 -15.38 29.44 19.76
CA VAL B 540 -16.59 29.05 20.45
C VAL B 540 -17.69 30.04 20.08
N ILE B 541 -18.86 29.49 19.71
CA ILE B 541 -20.00 30.31 19.35
C ILE B 541 -21.13 30.03 20.35
N SER B 542 -21.76 31.11 20.81
CA SER B 542 -22.89 31.04 21.74
C SER B 542 -23.81 32.23 21.50
N ASP B 543 -25.04 32.15 22.00
CA ASP B 543 -26.01 33.23 21.85
C ASP B 543 -25.59 34.44 22.68
N ARG B 544 -25.09 34.21 23.90
CA ARG B 544 -24.60 35.29 24.74
C ARG B 544 -23.57 36.10 23.94
N GLY B 545 -22.72 35.39 23.17
CA GLY B 545 -21.70 36.02 22.35
C GLY B 545 -22.24 36.59 21.03
N LEU B 546 -23.17 35.88 20.37
CA LEU B 546 -23.74 36.37 19.12
C LEU B 546 -24.53 37.66 19.37
N SER B 547 -25.10 37.79 20.57
CA SER B 547 -25.87 38.97 20.94
C SER B 547 -24.98 40.21 21.04
N GLU B 548 -23.73 40.01 21.50
CA GLU B 548 -22.79 41.10 21.68
C GLU B 548 -21.83 41.20 20.48
N GLY B 549 -22.06 40.39 19.45
CA GLY B 549 -21.26 40.44 18.23
C GLY B 549 -19.83 39.95 18.42
N VAL B 550 -19.63 39.01 19.36
CA VAL B 550 -18.30 38.52 19.69
C VAL B 550 -18.29 36.99 19.63
N LEU B 551 -17.12 36.46 19.26
CA LEU B 551 -16.82 35.04 19.33
C LEU B 551 -15.73 34.82 20.37
N GLU B 552 -15.65 33.62 20.94
CA GLU B 552 -14.62 33.29 21.91
C GLU B 552 -13.54 32.45 21.22
N TYR B 553 -12.31 32.99 21.16
CA TYR B 553 -11.17 32.31 20.56
C TYR B 553 -10.20 31.86 21.64
N LYS B 554 -9.50 30.73 21.40
CA LYS B 554 -8.41 30.28 22.26
C LYS B 554 -7.41 29.45 21.45
N GLY B 555 -6.11 29.75 21.60
CA GLY B 555 -5.06 28.92 21.04
C GLY B 555 -4.80 27.68 21.90
N ARG B 556 -4.23 26.65 21.26
CA ARG B 556 -3.93 25.37 21.91
C ARG B 556 -2.93 25.57 23.04
N ARG B 557 -1.97 26.48 22.85
CA ARG B 557 -0.93 26.74 23.83
C ARG B 557 -1.09 28.15 24.42
N ASP B 558 -2.32 28.68 24.38
CA ASP B 558 -2.66 29.94 25.03
C ASP B 558 -3.20 29.63 26.43
N SER B 559 -2.76 30.43 27.41
CA SER B 559 -3.21 30.27 28.79
C SER B 559 -4.70 30.61 28.89
N GLU B 560 -5.14 31.64 28.15
CA GLU B 560 -6.50 32.12 28.30
C GLU B 560 -7.16 32.35 26.94
N SER B 561 -8.49 32.21 26.95
CA SER B 561 -9.34 32.56 25.83
C SER B 561 -9.46 34.08 25.75
N GLN B 562 -9.96 34.57 24.61
CA GLN B 562 -10.17 36.00 24.44
C GLN B 562 -11.34 36.22 23.50
N ASN B 563 -11.83 37.47 23.47
CA ASN B 563 -13.01 37.78 22.68
C ASN B 563 -12.60 38.52 21.41
N LEU B 564 -13.34 38.24 20.35
CA LEU B 564 -13.00 38.64 18.99
C LEU B 564 -14.25 39.14 18.29
N PRO B 565 -14.32 40.40 17.83
CA PRO B 565 -15.52 40.91 17.16
C PRO B 565 -15.77 40.11 15.89
N ILE B 566 -17.03 39.70 15.67
CA ILE B 566 -17.41 38.76 14.64
C ILE B 566 -16.76 39.13 13.30
N GLY B 567 -16.72 40.42 12.98
CA GLY B 567 -16.20 40.90 11.71
C GLY B 567 -14.70 40.67 11.56
N GLU B 568 -13.94 41.01 12.62
CA GLU B 568 -12.49 40.95 12.59
C GLU B 568 -11.97 39.51 12.65
N LEU B 569 -12.87 38.52 12.79
CA LEU B 569 -12.41 37.15 12.97
C LEU B 569 -11.55 36.70 11.79
N MET B 570 -12.11 36.75 10.59
CA MET B 570 -11.49 36.19 9.40
C MET B 570 -10.09 36.77 9.20
N SER B 571 -9.98 38.09 9.36
CA SER B 571 -8.71 38.81 9.35
C SER B 571 -7.75 38.24 10.39
N PHE B 572 -8.29 37.99 11.60
CA PHE B 572 -7.51 37.57 12.76
C PHE B 572 -7.05 36.11 12.60
N ILE B 573 -7.95 35.26 12.09
CA ILE B 573 -7.64 33.84 11.93
C ILE B 573 -6.63 33.68 10.81
N THR B 574 -6.80 34.43 9.71
CA THR B 574 -5.93 34.32 8.55
C THR B 574 -4.48 34.60 8.96
N GLU B 575 -4.29 35.64 9.78
CA GLU B 575 -2.97 36.04 10.25
C GLU B 575 -2.32 34.85 10.97
N LYS B 576 -3.01 34.32 11.98
CA LYS B 576 -2.48 33.23 12.80
C LYS B 576 -2.04 32.06 11.91
N LEU B 577 -2.92 31.68 10.97
CA LEU B 577 -2.65 30.59 10.06
C LEU B 577 -2.03 31.14 8.78
C4 W20 C . -11.62 -6.78 -8.25
C5 W20 C . -11.46 -8.17 -8.27
C6 W20 C . -10.34 -8.75 -8.79
C7 W20 C . -12.84 -6.20 -7.62
C8 W20 C . -13.21 -4.87 -7.81
C10 W20 C . -15.19 -5.21 -6.53
C15 W20 C . -15.64 -6.68 -2.97
C20 W20 C . -15.51 -4.41 -0.34
C22 W20 C . -8.09 -8.48 -9.95
C24 W20 C . -7.45 -6.35 -10.42
C1 W20 C . -9.43 -6.55 -9.34
C2 W20 C . -9.30 -7.97 -9.34
C3 W20 C . -10.60 -6.00 -8.78
C9 W20 C . -14.39 -4.37 -7.27
C11 W20 C . -14.85 -6.54 -6.31
C12 W20 C . -13.67 -7.02 -6.86
S13 W20 C . -15.92 -7.66 -5.45
N14 W20 C . -16.38 -6.92 -4.07
C16 W20 C . -16.48 -5.96 -1.91
O17 W20 C . -14.45 -6.93 -2.79
C18 W20 C . -16.78 -4.52 -2.30
C19 W20 C . -15.64 -3.76 -1.68
N21 W20 C . -15.76 -5.86 -0.60
N23 W20 C . -7.20 -7.67 -10.48
N25 W20 C . -8.49 -5.72 -9.90
N26 W20 C . -7.80 -9.79 -9.95
O27 W20 C . -17.11 -7.78 -6.24
O28 W20 C . -15.18 -8.82 -5.11
F29 W20 C . -16.37 -4.75 -6.08
F30 W20 C . -10.67 -4.66 -8.72
S SO4 D . 6.69 -16.26 -12.97
O1 SO4 D . 7.65 -15.19 -13.10
O2 SO4 D . 5.81 -15.99 -11.87
O3 SO4 D . 5.91 -16.36 -14.18
O4 SO4 D . 7.38 -17.51 -12.76
S SO4 E . -9.74 -17.40 -20.24
O1 SO4 E . -10.43 -17.46 -21.51
O2 SO4 E . -9.83 -16.06 -19.71
O3 SO4 E . -10.35 -18.31 -19.32
O4 SO4 E . -8.36 -17.75 -20.43
MG MG F . -27.05 -28.14 -7.03
MG MG G . -4.33 -4.59 -18.91
MG MG H . -35.46 -22.31 -22.47
MG MG I . -11.22 -8.56 6.61
MG MG J . -23.58 -7.19 7.69
MG MG K . -31.30 -23.21 -3.97
MG MG L . -7.91 -16.67 -12.71
C1 EDO M . -1.56 2.06 -2.77
O1 EDO M . -0.58 2.73 -1.99
C2 EDO M . -2.71 2.92 -3.13
O2 EDO M . -2.31 4.18 -3.60
C1 EDO N . -12.72 -7.61 -15.40
O1 EDO N . -13.92 -8.10 -15.93
C2 EDO N . -11.56 -8.43 -15.79
O2 EDO N . -11.50 -8.66 -17.19
C1 EDO O . -10.35 -8.87 -20.95
O1 EDO O . -10.55 -9.52 -22.19
C2 EDO O . -9.93 -7.45 -21.10
O2 EDO O . -11.03 -6.55 -21.20
C1 EDO P . -0.95 -2.52 -9.98
O1 EDO P . -0.89 -3.89 -10.32
C2 EDO P . -1.75 -2.22 -8.76
O2 EDO P . -1.04 -2.28 -7.54
C1 EDO Q . -24.94 -29.17 -28.00
O1 EDO Q . -24.89 -29.51 -29.39
C2 EDO Q . -25.61 -30.19 -27.16
O2 EDO Q . -25.51 -30.01 -25.77
C4 W20 R . 12.07 1.30 9.74
C5 W20 R . 12.29 0.02 10.24
C6 W20 R . 11.36 -0.63 10.99
C7 W20 R . 13.08 1.93 8.85
C8 W20 R . 13.05 3.29 8.53
C10 W20 R . 15.07 3.07 7.28
C15 W20 R . 16.26 0.46 4.59
C20 W20 R . 15.52 1.18 1.25
C22 W20 R . 9.08 -0.62 12.13
C24 W20 R . 7.86 1.27 11.89
C1 W20 R . 9.85 1.27 10.83
C2 W20 R . 10.11 -0.03 11.30
C3 W20 R . 10.85 1.90 10.04
C9 W20 R . 14.05 3.87 7.75
C11 W20 R . 15.14 1.72 7.58
C12 W20 R . 14.14 1.16 8.35
S13 W20 R . 16.57 0.75 7.18
N14 W20 R . 16.91 1.02 5.61
C16 W20 R . 16.84 0.87 3.24
O17 W20 R . 15.26 -0.25 4.67
C18 W20 R . 16.60 2.36 2.97
C19 W20 R . 15.36 2.37 2.11
N21 W20 R . 16.11 0.15 2.16
N23 W20 R . 7.98 0.04 12.41
N25 W20 R . 8.70 1.94 11.13
N26 W20 R . 9.21 -1.85 12.65
O27 W20 R . 17.68 1.28 7.90
O28 W20 R . 16.23 -0.63 7.27
F29 W20 R . 15.97 3.61 6.41
F30 W20 R . 10.53 3.09 9.54
S SO4 S . 13.00 -3.37 24.93
O1 SO4 S . 12.88 -2.19 24.11
O2 SO4 S . 13.49 -3.00 26.22
O3 SO4 S . 11.70 -3.98 25.07
O4 SO4 S . 13.89 -4.31 24.30
MG MG T . 3.83 5.05 19.01
MG MG U . 35.98 -7.64 10.97
C1 EDO V . 31.99 -6.54 34.52
O1 EDO V . 31.55 -5.20 34.50
C2 EDO V . 30.94 -7.46 35.05
O2 EDO V . 29.86 -7.67 34.16
C1 EDO W . 10.26 4.24 22.35
O1 EDO W . 11.15 4.42 23.44
C2 EDO W . 10.61 5.05 21.17
O2 EDO W . 10.45 6.44 21.38
C1 EDO X . 49.33 -11.20 21.70
O1 EDO X . 48.39 -11.56 22.71
C2 EDO X . 49.01 -9.92 20.99
O2 EDO X . 48.38 -10.05 19.72
C1 EDO Y . 54.01 -13.82 34.80
O1 EDO Y . 54.55 -14.93 34.12
C2 EDO Y . 54.91 -12.64 34.80
O2 EDO Y . 55.06 -12.06 33.50
C1 EDO Z . 37.72 -8.91 36.37
O1 EDO Z . 39.01 -9.27 35.91
C2 EDO Z . 37.27 -7.62 35.80
O2 EDO Z . 37.26 -7.59 34.39
C1 EDO AA . -8.38 23.60 20.77
O1 EDO AA . -7.40 22.59 20.86
C2 EDO AA . -8.23 24.68 21.78
O2 EDO AA . -7.32 25.70 21.42
C1 EDO BA . 54.50 -13.93 38.72
O1 EDO BA . 53.80 -14.90 39.50
C2 EDO BA . 54.11 -12.54 39.00
O2 EDO BA . 55.19 -11.62 38.93
#